data_1HXJ
#
_entry.id   1HXJ
#
_cell.length_a   55.664
_cell.length_b   110.718
_cell.length_c   72.940
_cell.angle_alpha   90.00
_cell.angle_beta   92.10
_cell.angle_gamma   90.00
#
_symmetry.space_group_name_H-M   'P 1 21 1'
#
loop_
_entity.id
_entity.type
_entity.pdbx_description
1 polymer BETA-GLUCOSIDASE
2 water water
#
_entity_poly.entity_id   1
_entity_poly.type   'polypeptide(L)'
_entity_poly.pdbx_seq_one_letter_code
;SQNGVQMLSPSEIPQRDWFPSDFTFGAATSAYQIEGAWNEDGKGESNWDHFCHNHPERILDGSNSDIGANSYHMYKTDVR
LLKEMGMDAYRFSISWPRILPKGTKEGGINPDGIKYYRNLINLLLENGIEPYVTIFHWDVPQALEEKYGGFLDKSHKSIV
EDYTYFAKVCFDNFGDKVKNWLTFNEPQTFTSFSYGTGVFAPGRCSPGLDCAYPTGNSLVEPYTAGHNILLAHAEAVDLY
NKHYKRDDTRIGLAFDVMGRVPYGTSFLDKQAEERSWDINLGWFLEPVVRGDYPFSMRSLARERLPFFKDEQKEKLAGSY
NMLGLNYYTSRFSKNIDISPNYSPVLNTDDAYASQEVNGPDGKPIGPPMGNPWIYMYPEGLKDLLMIMKNKYGNPPIYIT
ENGIGDVDTKETPLPMEAALNDYKRLDYIQRHIATLKESIDLGSNVQGYFAWSLLDNFEWFAGFTERYGIVYVDRNNNCT
RYMKESAKWLKEFNTAKKPSKKILTPA
;
_entity_poly.pdbx_strand_id   A,B
#
# COMPACT_ATOMS: atom_id res chain seq x y z
N GLN A 6 -33.80 -10.65 -10.37
CA GLN A 6 -34.25 -9.31 -10.85
C GLN A 6 -35.52 -8.88 -10.13
N MET A 7 -35.43 -7.80 -9.36
CA MET A 7 -36.58 -7.28 -8.63
C MET A 7 -37.07 -8.42 -7.72
N LEU A 8 -36.62 -8.43 -6.47
CA LEU A 8 -37.01 -9.51 -5.56
C LEU A 8 -37.79 -9.15 -4.30
N SER A 9 -38.12 -10.20 -3.56
CA SER A 9 -38.85 -10.16 -2.30
C SER A 9 -39.41 -8.83 -1.83
N PRO A 10 -40.74 -8.74 -1.68
CA PRO A 10 -41.38 -7.51 -1.22
C PRO A 10 -40.93 -7.14 0.18
N SER A 11 -40.43 -8.12 0.92
CA SER A 11 -39.96 -7.86 2.28
C SER A 11 -38.58 -7.18 2.26
N GLU A 12 -37.98 -7.12 1.07
CA GLU A 12 -36.68 -6.48 0.92
C GLU A 12 -36.81 -5.04 0.41
N ILE A 13 -37.98 -4.71 -0.11
CA ILE A 13 -38.23 -3.38 -0.63
C ILE A 13 -38.07 -2.34 0.49
N PRO A 14 -37.17 -1.37 0.29
CA PRO A 14 -36.91 -0.31 1.29
C PRO A 14 -38.16 0.48 1.66
N GLN A 15 -38.27 0.81 2.94
CA GLN A 15 -39.39 1.60 3.46
C GLN A 15 -38.78 2.88 4.02
N ARG A 16 -39.52 3.98 3.96
CA ARG A 16 -39.01 5.24 4.47
C ARG A 16 -38.71 5.17 5.96
N ASP A 17 -39.50 4.38 6.70
CA ASP A 17 -39.28 4.28 8.14
C ASP A 17 -38.05 3.42 8.47
N TRP A 18 -37.36 2.98 7.42
CA TRP A 18 -36.13 2.22 7.60
C TRP A 18 -35.04 3.23 7.98
N PHE A 19 -35.30 4.50 7.65
CA PHE A 19 -34.34 5.56 7.93
C PHE A 19 -34.87 6.58 8.93
N PRO A 20 -33.96 7.30 9.61
CA PRO A 20 -34.36 8.30 10.60
C PRO A 20 -35.18 9.42 9.99
N SER A 21 -36.02 10.05 10.80
CA SER A 21 -36.88 11.14 10.36
C SER A 21 -36.11 12.26 9.66
N ASP A 22 -34.89 12.50 10.12
CA ASP A 22 -34.06 13.57 9.57
C ASP A 22 -33.30 13.22 8.29
N PHE A 23 -33.38 11.96 7.87
CA PHE A 23 -32.68 11.55 6.65
C PHE A 23 -33.17 12.40 5.48
N THR A 24 -32.36 12.51 4.44
CA THR A 24 -32.71 13.30 3.26
C THR A 24 -32.75 12.50 1.96
N PHE A 25 -33.85 12.61 1.24
CA PHE A 25 -34.04 11.93 -0.03
C PHE A 25 -34.36 12.98 -1.09
N GLY A 26 -33.63 12.96 -2.19
CA GLY A 26 -33.87 13.93 -3.26
C GLY A 26 -33.45 13.43 -4.63
N ALA A 27 -33.44 14.33 -5.61
CA ALA A 27 -33.01 14.00 -6.97
C ALA A 27 -31.99 15.06 -7.33
N ALA A 28 -31.23 14.83 -8.40
CA ALA A 28 -30.17 15.76 -8.80
C ALA A 28 -30.08 16.03 -10.30
N THR A 29 -29.53 17.20 -10.64
CA THR A 29 -29.32 17.64 -12.02
C THR A 29 -28.11 18.60 -12.06
N SER A 30 -27.74 19.03 -13.25
CA SER A 30 -26.64 19.98 -13.42
C SER A 30 -27.10 21.01 -14.44
N ALA A 31 -26.56 22.22 -14.35
CA ALA A 31 -26.94 23.32 -15.23
C ALA A 31 -26.90 23.07 -16.73
N TYR A 32 -25.72 22.77 -17.26
CA TYR A 32 -25.60 22.55 -18.70
C TYR A 32 -26.48 21.43 -19.22
N GLN A 33 -26.64 20.40 -18.40
CA GLN A 33 -27.44 19.24 -18.78
C GLN A 33 -28.95 19.46 -18.92
N ILE A 34 -29.53 20.34 -18.11
CA ILE A 34 -30.97 20.57 -18.18
C ILE A 34 -31.49 21.96 -18.55
N GLU A 35 -30.70 23.00 -18.29
CA GLU A 35 -31.16 24.37 -18.52
C GLU A 35 -31.57 24.84 -19.91
N GLY A 36 -30.71 24.68 -20.89
CA GLY A 36 -31.05 25.16 -22.22
C GLY A 36 -30.83 26.66 -22.16
N ALA A 37 -31.54 27.42 -22.99
CA ALA A 37 -31.39 28.88 -23.00
C ALA A 37 -29.91 29.20 -22.92
N TRP A 38 -29.11 28.48 -23.71
CA TRP A 38 -27.66 28.62 -23.70
C TRP A 38 -27.10 30.01 -23.98
N ASN A 39 -27.85 30.85 -24.68
CA ASN A 39 -27.38 32.21 -24.95
C ASN A 39 -28.51 33.22 -24.75
N GLU A 40 -29.40 32.92 -23.82
CA GLU A 40 -30.52 33.79 -23.52
C GLU A 40 -30.22 34.72 -22.36
N ASP A 41 -30.83 35.90 -22.38
CA ASP A 41 -30.68 36.89 -21.33
C ASP A 41 -29.24 37.22 -20.95
N GLY A 42 -28.37 37.30 -21.95
CA GLY A 42 -26.98 37.63 -21.71
C GLY A 42 -26.05 36.53 -21.21
N LYS A 43 -26.53 35.29 -21.14
CA LYS A 43 -25.66 34.21 -20.68
C LYS A 43 -24.43 34.09 -21.54
N GLY A 44 -23.28 33.90 -20.91
CA GLY A 44 -22.03 33.77 -21.65
C GLY A 44 -21.81 32.36 -22.18
N GLU A 45 -20.91 32.23 -23.13
CA GLU A 45 -20.59 30.93 -23.70
C GLU A 45 -19.74 30.13 -22.72
N SER A 46 -19.97 28.82 -22.66
CA SER A 46 -19.21 27.97 -21.77
C SER A 46 -18.32 27.04 -22.58
N ASN A 47 -17.40 26.39 -21.88
CA ASN A 47 -16.49 25.43 -22.50
C ASN A 47 -17.30 24.36 -23.23
N TRP A 48 -18.42 23.96 -22.66
CA TRP A 48 -19.25 22.94 -23.29
C TRP A 48 -20.05 23.45 -24.49
N ASP A 49 -20.54 24.69 -24.41
CA ASP A 49 -21.26 25.27 -25.55
C ASP A 49 -20.26 25.21 -26.70
N HIS A 50 -19.06 25.70 -26.43
CA HIS A 50 -17.96 25.76 -27.38
C HIS A 50 -17.58 24.39 -27.96
N PHE A 51 -17.39 23.41 -27.07
CA PHE A 51 -17.03 22.05 -27.46
C PHE A 51 -18.08 21.36 -28.34
N CYS A 52 -19.33 21.36 -27.89
CA CYS A 52 -20.41 20.72 -28.64
C CYS A 52 -20.66 21.38 -29.99
N HIS A 53 -20.47 22.70 -30.06
CA HIS A 53 -20.69 23.45 -31.29
C HIS A 53 -19.57 23.25 -32.29
N ASN A 54 -18.32 23.30 -31.83
CA ASN A 54 -17.17 23.14 -32.69
C ASN A 54 -16.75 21.69 -32.93
N HIS A 55 -17.16 20.79 -32.03
CA HIS A 55 -16.79 19.39 -32.20
C HIS A 55 -17.93 18.42 -31.99
N PRO A 56 -18.93 18.47 -32.88
CA PRO A 56 -20.08 17.57 -32.78
C PRO A 56 -19.69 16.11 -32.94
N GLU A 57 -18.54 15.85 -33.56
CA GLU A 57 -18.10 14.48 -33.77
C GLU A 57 -17.54 13.86 -32.50
N ARG A 58 -17.36 14.69 -31.47
CA ARG A 58 -16.86 14.21 -30.20
C ARG A 58 -18.03 13.87 -29.28
N ILE A 59 -19.24 13.98 -29.81
CA ILE A 59 -20.47 13.69 -29.09
C ILE A 59 -21.14 12.53 -29.84
N LEU A 60 -21.44 11.43 -29.14
CA LEU A 60 -22.04 10.25 -29.75
C LEU A 60 -23.07 10.49 -30.85
N ASP A 61 -24.06 11.32 -30.57
CA ASP A 61 -25.11 11.62 -31.53
C ASP A 61 -24.96 13.02 -32.13
N GLY A 62 -23.78 13.60 -31.97
CA GLY A 62 -23.52 14.92 -32.50
C GLY A 62 -24.43 16.03 -31.95
N SER A 63 -25.08 15.76 -30.83
CA SER A 63 -25.99 16.73 -30.24
C SER A 63 -25.29 17.76 -29.34
N ASN A 64 -26.09 18.63 -28.74
CA ASN A 64 -25.60 19.66 -27.83
C ASN A 64 -26.73 19.97 -26.86
N SER A 65 -26.46 20.78 -25.85
CA SER A 65 -27.51 21.10 -24.89
C SER A 65 -28.01 22.53 -25.00
N ASP A 66 -28.23 23.00 -26.23
CA ASP A 66 -28.75 24.35 -26.45
C ASP A 66 -30.12 24.46 -25.77
N ILE A 67 -30.86 23.36 -25.76
CA ILE A 67 -32.19 23.32 -25.15
C ILE A 67 -32.21 22.45 -23.89
N GLY A 68 -31.55 21.30 -23.95
CA GLY A 68 -31.52 20.40 -22.81
C GLY A 68 -32.93 19.99 -22.42
N ALA A 69 -33.33 20.33 -21.20
CA ALA A 69 -34.67 20.01 -20.74
C ALA A 69 -35.47 21.30 -20.65
N ASN A 70 -34.88 22.38 -21.13
CA ASN A 70 -35.51 23.71 -21.12
C ASN A 70 -35.95 24.07 -19.71
N SER A 71 -35.16 23.68 -18.72
CA SER A 71 -35.48 23.97 -17.33
C SER A 71 -35.31 25.44 -16.97
N TYR A 72 -34.64 26.20 -17.82
CA TYR A 72 -34.48 27.63 -17.55
C TYR A 72 -35.88 28.23 -17.59
N HIS A 73 -36.74 27.65 -18.41
CA HIS A 73 -38.12 28.12 -18.56
C HIS A 73 -39.15 27.24 -17.85
N MET A 74 -38.84 25.96 -17.72
CA MET A 74 -39.76 25.02 -17.11
C MET A 74 -39.45 24.61 -15.68
N TYR A 75 -38.59 25.37 -15.01
CA TYR A 75 -38.21 25.05 -13.62
C TYR A 75 -39.40 24.92 -12.68
N LYS A 76 -40.49 25.62 -12.98
CA LYS A 76 -41.67 25.56 -12.12
C LYS A 76 -42.25 24.14 -12.13
N THR A 77 -42.20 23.49 -13.28
CA THR A 77 -42.69 22.13 -13.41
C THR A 77 -41.75 21.18 -12.68
N ASP A 78 -40.46 21.46 -12.76
CA ASP A 78 -39.48 20.62 -12.08
C ASP A 78 -39.77 20.62 -10.59
N VAL A 79 -40.02 21.80 -10.03
CA VAL A 79 -40.32 21.93 -8.62
C VAL A 79 -41.61 21.16 -8.27
N ARG A 80 -42.60 21.27 -9.15
CA ARG A 80 -43.89 20.62 -8.98
C ARG A 80 -43.69 19.11 -8.76
N LEU A 81 -42.96 18.50 -9.70
CA LEU A 81 -42.67 17.06 -9.64
C LEU A 81 -41.96 16.69 -8.35
N LEU A 82 -40.93 17.47 -7.99
CA LEU A 82 -40.19 17.20 -6.77
C LEU A 82 -41.14 17.22 -5.57
N LYS A 83 -42.06 18.18 -5.59
CA LYS A 83 -43.05 18.31 -4.53
C LYS A 83 -43.95 17.08 -4.49
N GLU A 84 -44.44 16.68 -5.65
CA GLU A 84 -45.31 15.51 -5.74
C GLU A 84 -44.64 14.24 -5.24
N MET A 85 -43.35 14.09 -5.53
CA MET A 85 -42.64 12.90 -5.11
C MET A 85 -42.27 12.92 -3.63
N GLY A 86 -42.54 14.04 -2.97
CA GLY A 86 -42.23 14.14 -1.56
C GLY A 86 -40.74 14.25 -1.28
N MET A 87 -39.97 14.69 -2.26
CA MET A 87 -38.53 14.85 -2.08
C MET A 87 -38.24 15.87 -0.99
N ASP A 88 -37.23 15.60 -0.18
CA ASP A 88 -36.84 16.50 0.91
C ASP A 88 -35.89 17.56 0.38
N ALA A 89 -35.24 17.26 -0.74
CA ALA A 89 -34.28 18.19 -1.30
C ALA A 89 -34.07 18.02 -2.80
N TYR A 90 -33.44 19.01 -3.40
CA TYR A 90 -33.14 19.01 -4.83
C TYR A 90 -31.74 19.54 -5.05
N ARG A 91 -30.89 18.72 -5.65
CA ARG A 91 -29.52 19.14 -5.93
C ARG A 91 -29.42 19.58 -7.39
N PHE A 92 -29.00 20.83 -7.58
CA PHE A 92 -28.85 21.40 -8.91
C PHE A 92 -27.57 22.24 -8.88
N SER A 93 -27.11 22.68 -10.04
CA SER A 93 -25.90 23.50 -10.09
C SER A 93 -26.14 24.86 -10.69
N ILE A 94 -25.19 25.77 -10.46
CA ILE A 94 -25.25 27.14 -10.96
C ILE A 94 -24.36 27.24 -12.18
N SER A 95 -24.85 27.90 -13.23
CA SER A 95 -24.06 28.09 -14.44
C SER A 95 -23.18 29.31 -14.27
N TRP A 96 -21.87 29.08 -14.15
CA TRP A 96 -20.89 30.14 -13.97
C TRP A 96 -21.12 31.26 -15.00
N PRO A 97 -21.13 30.91 -16.30
CA PRO A 97 -21.34 31.91 -17.37
C PRO A 97 -22.72 32.57 -17.38
N ARG A 98 -23.74 31.89 -16.85
CA ARG A 98 -25.06 32.51 -16.83
C ARG A 98 -25.05 33.65 -15.80
N ILE A 99 -24.24 33.50 -14.76
CA ILE A 99 -24.11 34.52 -13.70
C ILE A 99 -23.10 35.60 -14.07
N LEU A 100 -21.94 35.15 -14.56
CA LEU A 100 -20.86 36.06 -14.96
C LEU A 100 -20.51 35.70 -16.39
N PRO A 101 -21.17 36.35 -17.37
CA PRO A 101 -20.93 36.12 -18.80
C PRO A 101 -19.47 36.04 -19.20
N LYS A 102 -18.63 36.86 -18.58
CA LYS A 102 -17.20 36.84 -18.90
C LYS A 102 -16.36 36.17 -17.82
N GLY A 103 -17.04 35.39 -16.97
CA GLY A 103 -16.37 34.67 -15.89
C GLY A 103 -15.56 35.49 -14.92
N THR A 104 -15.56 36.80 -15.07
CA THR A 104 -14.78 37.68 -14.19
C THR A 104 -15.62 38.76 -13.51
N LYS A 105 -15.06 39.31 -12.44
CA LYS A 105 -15.73 40.37 -11.69
C LYS A 105 -15.94 41.63 -12.52
N GLU A 106 -14.91 42.05 -13.24
CA GLU A 106 -15.00 43.25 -14.07
C GLU A 106 -15.96 43.02 -15.23
N GLY A 107 -16.23 41.76 -15.53
CA GLY A 107 -17.15 41.43 -16.62
C GLY A 107 -18.57 41.73 -16.20
N GLY A 108 -18.82 41.81 -14.90
CA GLY A 108 -20.15 42.10 -14.41
C GLY A 108 -21.05 40.91 -14.18
N ILE A 109 -22.03 41.10 -13.29
CA ILE A 109 -23.00 40.08 -12.93
C ILE A 109 -24.26 40.22 -13.78
N ASN A 110 -24.78 39.08 -14.27
CA ASN A 110 -25.99 39.08 -15.07
C ASN A 110 -27.24 39.03 -14.19
N PRO A 111 -28.00 40.13 -14.13
CA PRO A 111 -29.23 40.18 -13.31
C PRO A 111 -30.27 39.10 -13.62
N ASP A 112 -30.35 38.69 -14.88
CA ASP A 112 -31.29 37.66 -15.29
C ASP A 112 -30.88 36.29 -14.72
N GLY A 113 -29.57 36.11 -14.53
CA GLY A 113 -29.08 34.86 -13.98
C GLY A 113 -29.39 34.76 -12.50
N ILE A 114 -29.06 35.82 -11.76
CA ILE A 114 -29.32 35.87 -10.33
C ILE A 114 -30.81 35.62 -10.10
N LYS A 115 -31.63 36.30 -10.90
CA LYS A 115 -33.07 36.18 -10.80
C LYS A 115 -33.56 34.74 -10.98
N TYR A 116 -33.10 34.09 -12.04
CA TYR A 116 -33.49 32.72 -12.34
C TYR A 116 -33.29 31.78 -11.15
N TYR A 117 -32.08 31.76 -10.62
CA TYR A 117 -31.80 30.88 -9.50
C TYR A 117 -32.54 31.26 -8.22
N ARG A 118 -32.75 32.55 -7.99
CA ARG A 118 -33.50 32.95 -6.79
C ARG A 118 -34.96 32.49 -6.91
N ASN A 119 -35.51 32.57 -8.11
CA ASN A 119 -36.89 32.12 -8.32
C ASN A 119 -36.98 30.61 -8.07
N LEU A 120 -35.99 29.86 -8.54
CA LEU A 120 -35.98 28.42 -8.34
C LEU A 120 -35.85 28.10 -6.85
N ILE A 121 -34.86 28.71 -6.21
CA ILE A 121 -34.61 28.48 -4.80
C ILE A 121 -35.82 28.83 -3.94
N ASN A 122 -36.41 30.00 -4.17
CA ASN A 122 -37.57 30.40 -3.39
C ASN A 122 -38.77 29.49 -3.60
N LEU A 123 -39.02 29.10 -4.85
CA LEU A 123 -40.14 28.21 -5.13
C LEU A 123 -39.91 26.86 -4.46
N LEU A 124 -38.65 26.42 -4.40
CA LEU A 124 -38.33 25.15 -3.76
C LEU A 124 -38.66 25.22 -2.27
N LEU A 125 -38.15 26.26 -1.61
CA LEU A 125 -38.39 26.43 -0.19
C LEU A 125 -39.88 26.60 0.09
N GLU A 126 -40.60 27.24 -0.83
CA GLU A 126 -42.04 27.42 -0.68
C GLU A 126 -42.72 26.07 -0.54
N ASN A 127 -42.26 25.11 -1.32
CA ASN A 127 -42.83 23.76 -1.28
C ASN A 127 -42.11 22.84 -0.31
N GLY A 128 -41.35 23.42 0.59
CA GLY A 128 -40.65 22.65 1.60
C GLY A 128 -39.51 21.76 1.11
N ILE A 129 -38.89 22.13 0.00
CA ILE A 129 -37.77 21.35 -0.55
C ILE A 129 -36.46 22.08 -0.29
N GLU A 130 -35.51 21.39 0.31
CA GLU A 130 -34.22 21.97 0.64
C GLU A 130 -33.26 21.94 -0.55
N PRO A 131 -32.71 23.11 -0.91
CA PRO A 131 -31.78 23.15 -2.05
C PRO A 131 -30.34 22.79 -1.69
N TYR A 132 -29.73 21.93 -2.53
CA TYR A 132 -28.33 21.54 -2.37
C TYR A 132 -27.68 22.03 -3.66
N VAL A 133 -26.93 23.12 -3.54
CA VAL A 133 -26.32 23.76 -4.69
C VAL A 133 -24.86 23.43 -5.02
N THR A 134 -24.65 22.93 -6.23
CA THR A 134 -23.31 22.62 -6.71
C THR A 134 -22.90 23.92 -7.38
N ILE A 135 -21.78 24.50 -6.93
CA ILE A 135 -21.31 25.75 -7.51
C ILE A 135 -20.72 25.55 -8.90
N PHE A 136 -19.85 24.55 -9.02
CA PHE A 136 -19.23 24.26 -10.31
C PHE A 136 -19.50 22.85 -10.78
N HIS A 137 -20.19 22.73 -11.90
CA HIS A 137 -20.48 21.43 -12.44
C HIS A 137 -19.96 21.33 -13.89
N TRP A 138 -18.67 21.58 -14.05
CA TRP A 138 -17.95 21.48 -15.33
C TRP A 138 -18.14 22.56 -16.38
N ASP A 139 -19.05 23.49 -16.16
CA ASP A 139 -19.28 24.54 -17.14
C ASP A 139 -18.47 25.82 -16.89
N VAL A 140 -17.23 25.81 -17.36
CA VAL A 140 -16.33 26.95 -17.23
C VAL A 140 -16.65 27.99 -18.30
N PRO A 141 -16.61 29.29 -17.95
CA PRO A 141 -16.89 30.33 -18.95
C PRO A 141 -15.86 30.23 -20.08
N GLN A 142 -16.33 30.15 -21.32
CA GLN A 142 -15.42 30.04 -22.45
C GLN A 142 -14.42 31.19 -22.46
N ALA A 143 -14.84 32.32 -21.90
CA ALA A 143 -13.97 33.50 -21.84
C ALA A 143 -12.71 33.24 -21.02
N LEU A 144 -12.85 32.51 -19.92
CA LEU A 144 -11.69 32.21 -19.08
C LEU A 144 -10.80 31.14 -19.71
N GLU A 145 -11.43 30.23 -20.45
CA GLU A 145 -10.70 29.17 -21.13
C GLU A 145 -9.71 29.79 -22.12
N GLU A 146 -10.16 30.82 -22.83
CA GLU A 146 -9.32 31.47 -23.83
C GLU A 146 -8.32 32.43 -23.19
N LYS A 147 -8.68 32.98 -22.04
CA LYS A 147 -7.83 33.91 -21.32
C LYS A 147 -6.56 33.24 -20.78
N TYR A 148 -6.72 32.12 -20.07
CA TYR A 148 -5.58 31.42 -19.50
C TYR A 148 -5.76 29.91 -19.38
N GLY A 149 -6.75 29.36 -20.09
CA GLY A 149 -6.99 27.93 -20.05
C GLY A 149 -7.85 27.41 -18.91
N GLY A 150 -8.51 28.31 -18.21
CA GLY A 150 -9.37 27.87 -17.12
C GLY A 150 -8.58 27.25 -15.98
N PHE A 151 -8.92 26.03 -15.59
CA PHE A 151 -8.23 25.38 -14.50
C PHE A 151 -6.81 24.93 -14.86
N LEU A 152 -6.38 25.23 -16.09
CA LEU A 152 -5.04 24.89 -16.53
C LEU A 152 -4.09 26.04 -16.16
N ASP A 153 -4.64 27.08 -15.58
CA ASP A 153 -3.88 28.25 -15.15
C ASP A 153 -2.54 27.84 -14.55
N LYS A 154 -1.46 28.10 -15.26
CA LYS A 154 -0.12 27.75 -14.79
C LYS A 154 0.34 28.63 -13.64
N SER A 155 -0.31 29.78 -13.48
CA SER A 155 0.03 30.72 -12.41
C SER A 155 -0.62 30.29 -11.10
N HIS A 156 -1.65 29.45 -11.21
CA HIS A 156 -2.39 28.98 -10.04
C HIS A 156 -2.93 30.16 -9.24
N LYS A 157 -3.24 31.26 -9.91
CA LYS A 157 -3.76 32.45 -9.24
C LYS A 157 -5.03 32.99 -9.87
N SER A 158 -5.00 33.20 -11.18
CA SER A 158 -6.15 33.75 -11.91
C SER A 158 -7.42 32.93 -11.70
N ILE A 159 -7.34 31.63 -11.98
CA ILE A 159 -8.51 30.77 -11.84
C ILE A 159 -8.99 30.70 -10.40
N VAL A 160 -8.06 30.69 -9.45
CA VAL A 160 -8.45 30.63 -8.03
C VAL A 160 -9.22 31.90 -7.67
N GLU A 161 -8.72 33.04 -8.13
CA GLU A 161 -9.36 34.31 -7.86
C GLU A 161 -10.74 34.40 -8.52
N ASP A 162 -10.80 34.05 -9.80
CA ASP A 162 -12.06 34.12 -10.53
C ASP A 162 -13.11 33.17 -9.99
N TYR A 163 -12.69 31.97 -9.61
CA TYR A 163 -13.64 31.01 -9.05
C TYR A 163 -14.10 31.49 -7.69
N THR A 164 -13.17 32.00 -6.88
CA THR A 164 -13.52 32.47 -5.55
C THR A 164 -14.52 33.63 -5.66
N TYR A 165 -14.39 34.43 -6.72
CA TYR A 165 -15.33 35.53 -6.90
C TYR A 165 -16.69 35.00 -7.31
N PHE A 166 -16.71 33.99 -8.18
CA PHE A 166 -17.97 33.39 -8.63
C PHE A 166 -18.66 32.79 -7.40
N ALA A 167 -17.89 32.13 -6.56
CA ALA A 167 -18.43 31.52 -5.35
C ALA A 167 -19.02 32.61 -4.45
N LYS A 168 -18.34 33.75 -4.36
CA LYS A 168 -18.79 34.88 -3.54
C LYS A 168 -20.12 35.41 -4.04
N VAL A 169 -20.27 35.53 -5.36
CA VAL A 169 -21.49 36.02 -5.97
C VAL A 169 -22.63 35.06 -5.58
N CYS A 170 -22.34 33.77 -5.59
CA CYS A 170 -23.35 32.77 -5.23
C CYS A 170 -23.71 32.92 -3.74
N PHE A 171 -22.70 32.99 -2.89
CA PHE A 171 -22.95 33.12 -1.46
C PHE A 171 -23.74 34.41 -1.17
N ASP A 172 -23.32 35.50 -1.79
CA ASP A 172 -23.97 36.79 -1.59
C ASP A 172 -25.43 36.81 -2.00
N ASN A 173 -25.70 36.29 -3.20
CA ASN A 173 -27.04 36.30 -3.76
C ASN A 173 -27.96 35.12 -3.46
N PHE A 174 -27.41 34.02 -2.94
CA PHE A 174 -28.24 32.86 -2.63
C PHE A 174 -28.05 32.32 -1.21
N GLY A 175 -26.99 32.78 -0.55
CA GLY A 175 -26.69 32.34 0.80
C GLY A 175 -27.80 32.49 1.83
N ASP A 176 -28.66 33.47 1.63
CA ASP A 176 -29.75 33.70 2.58
C ASP A 176 -30.74 32.54 2.56
N LYS A 177 -30.86 31.87 1.42
CA LYS A 177 -31.80 30.75 1.29
C LYS A 177 -31.15 29.37 1.21
N VAL A 178 -29.91 29.33 0.73
CA VAL A 178 -29.18 28.06 0.59
C VAL A 178 -28.33 27.74 1.82
N LYS A 179 -28.51 26.55 2.37
CA LYS A 179 -27.79 26.11 3.55
C LYS A 179 -26.89 24.91 3.26
N ASN A 180 -26.84 24.48 2.01
CA ASN A 180 -26.02 23.34 1.64
C ASN A 180 -25.30 23.61 0.34
N TRP A 181 -23.98 23.78 0.42
CA TRP A 181 -23.15 24.08 -0.74
C TRP A 181 -22.12 23.00 -1.08
N LEU A 182 -21.92 22.81 -2.38
CA LEU A 182 -20.93 21.87 -2.89
C LEU A 182 -20.12 22.70 -3.88
N THR A 183 -18.84 22.90 -3.57
CA THR A 183 -17.96 23.70 -4.41
C THR A 183 -17.71 23.09 -5.79
N PHE A 184 -17.34 21.81 -5.81
CA PHE A 184 -17.07 21.12 -7.07
C PHE A 184 -17.73 19.76 -7.18
N ASN A 185 -18.09 19.41 -8.41
CA ASN A 185 -18.69 18.11 -8.70
C ASN A 185 -17.68 17.26 -9.45
N GLU A 186 -17.43 16.06 -8.95
CA GLU A 186 -16.51 15.11 -9.55
C GLU A 186 -15.21 15.69 -10.12
N PRO A 187 -14.33 16.21 -9.25
CA PRO A 187 -13.06 16.77 -9.74
C PRO A 187 -12.20 15.75 -10.51
N GLN A 188 -12.19 14.49 -10.08
CA GLN A 188 -11.39 13.48 -10.78
C GLN A 188 -11.92 13.24 -12.20
N THR A 189 -13.23 13.15 -12.33
CA THR A 189 -13.85 12.93 -13.64
C THR A 189 -13.54 14.12 -14.54
N PHE A 190 -13.73 15.32 -14.02
CA PHE A 190 -13.49 16.53 -14.79
C PHE A 190 -12.05 16.63 -15.29
N THR A 191 -11.08 16.48 -14.40
CA THR A 191 -9.67 16.58 -14.78
C THR A 191 -9.21 15.47 -15.72
N SER A 192 -9.52 14.22 -15.38
CA SER A 192 -9.13 13.09 -16.21
C SER A 192 -9.76 13.10 -17.60
N PHE A 193 -11.08 13.26 -17.66
CA PHE A 193 -11.79 13.28 -18.93
C PHE A 193 -11.49 14.49 -19.80
N SER A 194 -11.34 15.66 -19.18
CA SER A 194 -11.08 16.88 -19.93
C SER A 194 -9.64 17.07 -20.41
N TYR A 195 -8.68 16.59 -19.63
CA TYR A 195 -7.27 16.75 -19.98
C TYR A 195 -6.46 15.47 -20.02
N GLY A 196 -7.11 14.34 -19.72
CA GLY A 196 -6.43 13.06 -19.75
C GLY A 196 -6.78 12.36 -21.04
N THR A 197 -7.99 11.82 -21.11
CA THR A 197 -8.46 11.14 -22.30
C THR A 197 -9.03 12.18 -23.28
N GLY A 198 -9.37 13.34 -22.76
CA GLY A 198 -9.89 14.41 -23.60
C GLY A 198 -11.30 14.18 -24.14
N VAL A 199 -12.06 13.30 -23.50
CA VAL A 199 -13.42 13.03 -23.95
C VAL A 199 -14.40 14.13 -23.53
N PHE A 200 -13.95 14.98 -22.61
CA PHE A 200 -14.75 16.12 -22.13
C PHE A 200 -14.10 17.41 -22.60
N ALA A 201 -14.90 18.47 -22.74
CA ALA A 201 -14.38 19.77 -23.17
C ALA A 201 -13.28 20.21 -22.19
N PRO A 202 -12.25 20.92 -22.69
CA PRO A 202 -12.00 21.32 -24.08
C PRO A 202 -11.54 20.21 -25.01
N GLY A 203 -11.33 19.02 -24.46
CA GLY A 203 -10.90 17.88 -25.26
C GLY A 203 -9.41 17.79 -25.51
N ARG A 204 -8.60 18.03 -24.49
CA ARG A 204 -7.14 17.98 -24.63
C ARG A 204 -6.57 16.64 -24.16
N CYS A 205 -5.43 16.28 -24.73
CA CYS A 205 -4.76 15.03 -24.40
C CYS A 205 -3.30 15.08 -24.88
N SER A 206 -2.51 14.07 -24.54
CA SER A 206 -1.11 14.03 -24.95
C SER A 206 -0.93 13.77 -26.43
N PRO A 207 0.11 14.36 -27.05
CA PRO A 207 0.35 14.15 -28.47
C PRO A 207 0.39 12.65 -28.75
N GLY A 208 -0.23 12.23 -29.84
CA GLY A 208 -0.26 10.82 -30.17
C GLY A 208 -1.52 10.13 -29.66
N LEU A 209 -2.40 10.90 -29.01
CA LEU A 209 -3.64 10.36 -28.49
C LEU A 209 -4.85 10.87 -29.27
N ASP A 210 -5.92 10.09 -29.29
CA ASP A 210 -7.13 10.47 -30.03
C ASP A 210 -8.16 11.32 -29.27
N CYS A 211 -8.08 12.62 -29.49
CA CYS A 211 -9.00 13.57 -28.89
C CYS A 211 -8.92 14.82 -29.75
N ALA A 212 -9.91 15.71 -29.62
CA ALA A 212 -9.94 16.94 -30.40
C ALA A 212 -8.63 17.71 -30.46
N TYR A 213 -7.96 17.84 -29.32
CA TYR A 213 -6.70 18.60 -29.25
C TYR A 213 -5.56 17.83 -28.60
N PRO A 214 -4.89 16.97 -29.38
CA PRO A 214 -3.77 16.16 -28.88
C PRO A 214 -2.48 16.98 -28.72
N THR A 215 -2.60 18.18 -28.16
CA THR A 215 -1.45 19.04 -27.96
C THR A 215 -1.24 19.33 -26.48
N GLY A 216 -1.75 18.44 -25.62
CA GLY A 216 -1.60 18.64 -24.19
C GLY A 216 -0.70 17.60 -23.55
N ASN A 217 -0.93 17.33 -22.28
CA ASN A 217 -0.14 16.34 -21.56
C ASN A 217 -1.04 15.62 -20.55
N SER A 218 -1.45 14.40 -20.91
CA SER A 218 -2.33 13.58 -20.08
C SER A 218 -1.70 13.13 -18.76
N LEU A 219 -0.42 13.43 -18.58
CA LEU A 219 0.29 13.04 -17.36
C LEU A 219 0.57 14.24 -16.47
N VAL A 220 0.21 15.42 -16.95
CA VAL A 220 0.44 16.65 -16.20
C VAL A 220 -0.77 17.59 -16.11
N GLU A 221 -1.44 17.83 -17.25
CA GLU A 221 -2.59 18.74 -17.25
C GLU A 221 -3.69 18.34 -16.28
N PRO A 222 -3.99 17.02 -16.15
CA PRO A 222 -5.04 16.63 -15.21
C PRO A 222 -4.65 17.03 -13.78
N TYR A 223 -3.37 16.88 -13.45
CA TYR A 223 -2.87 17.22 -12.12
C TYR A 223 -2.81 18.72 -11.88
N THR A 224 -2.44 19.48 -12.91
CA THR A 224 -2.38 20.92 -12.80
C THR A 224 -3.80 21.42 -12.53
N ALA A 225 -4.74 20.92 -13.31
CA ALA A 225 -6.15 21.29 -13.18
C ALA A 225 -6.68 20.90 -11.80
N GLY A 226 -6.40 19.67 -11.39
CA GLY A 226 -6.84 19.19 -10.10
C GLY A 226 -6.24 19.99 -8.96
N HIS A 227 -4.99 20.43 -9.14
CA HIS A 227 -4.32 21.21 -8.11
C HIS A 227 -5.01 22.56 -7.98
N ASN A 228 -5.32 23.18 -9.12
CA ASN A 228 -6.01 24.47 -9.10
C ASN A 228 -7.40 24.34 -8.49
N ILE A 229 -8.08 23.24 -8.80
CA ILE A 229 -9.42 23.00 -8.26
C ILE A 229 -9.36 22.96 -6.73
N LEU A 230 -8.34 22.30 -6.19
CA LEU A 230 -8.21 22.19 -4.74
C LEU A 230 -7.91 23.55 -4.11
N LEU A 231 -7.06 24.35 -4.75
CA LEU A 231 -6.73 25.68 -4.24
C LEU A 231 -8.00 26.54 -4.30
N ALA A 232 -8.77 26.39 -5.36
CA ALA A 232 -10.01 27.15 -5.52
C ALA A 232 -11.00 26.75 -4.44
N HIS A 233 -11.11 25.45 -4.20
CA HIS A 233 -12.02 24.95 -3.17
C HIS A 233 -11.64 25.48 -1.80
N ALA A 234 -10.35 25.38 -1.48
CA ALA A 234 -9.83 25.84 -0.19
C ALA A 234 -10.16 27.31 0.05
N GLU A 235 -9.98 28.12 -0.99
CA GLU A 235 -10.24 29.56 -0.89
C GLU A 235 -11.72 29.85 -0.71
N ALA A 236 -12.56 29.19 -1.50
CA ALA A 236 -14.00 29.39 -1.41
C ALA A 236 -14.53 28.99 -0.04
N VAL A 237 -14.03 27.87 0.48
CA VAL A 237 -14.45 27.40 1.80
C VAL A 237 -14.02 28.41 2.87
N ASP A 238 -12.80 28.94 2.74
CA ASP A 238 -12.32 29.92 3.70
C ASP A 238 -13.28 31.11 3.70
N LEU A 239 -13.57 31.61 2.50
CA LEU A 239 -14.46 32.74 2.33
C LEU A 239 -15.83 32.44 2.96
N TYR A 240 -16.37 31.27 2.66
CA TYR A 240 -17.68 30.88 3.20
C TYR A 240 -17.71 30.89 4.72
N ASN A 241 -16.76 30.22 5.36
CA ASN A 241 -16.71 30.16 6.82
C ASN A 241 -16.57 31.52 7.47
N LYS A 242 -15.79 32.40 6.83
CA LYS A 242 -15.54 33.73 7.38
C LYS A 242 -16.55 34.81 7.02
N HIS A 243 -17.64 34.47 6.33
CA HIS A 243 -18.61 35.51 5.97
C HIS A 243 -20.01 35.04 5.68
N TYR A 244 -20.22 33.73 5.56
CA TYR A 244 -21.53 33.23 5.22
C TYR A 244 -21.99 32.04 6.06
N LYS A 245 -21.03 31.28 6.58
CA LYS A 245 -21.32 30.11 7.38
C LYS A 245 -22.21 30.40 8.58
N ARG A 246 -23.32 29.68 8.68
CA ARG A 246 -24.25 29.82 9.79
C ARG A 246 -24.30 28.44 10.46
N ASP A 247 -24.66 28.41 11.73
CA ASP A 247 -24.72 27.15 12.46
C ASP A 247 -25.50 26.06 11.73
N ASP A 248 -26.52 26.44 10.98
CA ASP A 248 -27.32 25.47 10.26
C ASP A 248 -26.95 25.30 8.79
N THR A 249 -25.85 25.89 8.36
CA THR A 249 -25.44 25.77 6.95
C THR A 249 -24.17 24.92 6.84
N ARG A 250 -23.98 24.31 5.67
CA ARG A 250 -22.83 23.44 5.45
C ARG A 250 -22.29 23.55 4.03
N ILE A 251 -21.00 23.28 3.88
CA ILE A 251 -20.35 23.32 2.59
C ILE A 251 -19.37 22.16 2.47
N GLY A 252 -19.18 21.70 1.23
CA GLY A 252 -18.26 20.61 0.96
C GLY A 252 -18.09 20.47 -0.54
N LEU A 253 -17.97 19.23 -1.00
CA LEU A 253 -17.84 18.95 -2.43
C LEU A 253 -18.23 17.49 -2.65
N ALA A 254 -18.42 17.09 -3.90
CA ALA A 254 -18.81 15.73 -4.24
C ALA A 254 -17.76 15.04 -5.09
N PHE A 255 -17.43 13.80 -4.73
CA PHE A 255 -16.43 13.03 -5.46
C PHE A 255 -17.05 11.90 -6.26
N ASP A 256 -16.57 11.70 -7.49
CA ASP A 256 -17.04 10.59 -8.29
C ASP A 256 -16.26 9.42 -7.73
N VAL A 257 -16.90 8.26 -7.59
CA VAL A 257 -16.21 7.10 -7.06
C VAL A 257 -16.72 5.78 -7.60
N MET A 258 -15.82 4.96 -8.12
CA MET A 258 -16.18 3.62 -8.58
C MET A 258 -15.59 2.71 -7.52
N GLY A 259 -16.37 1.74 -7.06
CA GLY A 259 -15.84 0.81 -6.06
C GLY A 259 -14.70 0.02 -6.66
N ARG A 260 -13.80 -0.47 -5.81
CA ARG A 260 -12.65 -1.24 -6.27
C ARG A 260 -12.56 -2.57 -5.52
N VAL A 261 -12.46 -3.65 -6.27
CA VAL A 261 -12.34 -4.99 -5.69
C VAL A 261 -11.10 -5.64 -6.29
N PRO A 262 -10.31 -6.36 -5.48
CA PRO A 262 -9.10 -6.99 -6.02
C PRO A 262 -9.51 -7.98 -7.11
N TYR A 263 -8.81 -7.94 -8.25
CA TYR A 263 -9.12 -8.85 -9.34
C TYR A 263 -9.07 -10.30 -8.87
N GLY A 264 -7.90 -10.73 -8.42
CA GLY A 264 -7.74 -12.10 -7.95
C GLY A 264 -7.45 -12.21 -6.46
N THR A 265 -6.86 -13.34 -6.05
CA THR A 265 -6.54 -13.57 -4.65
C THR A 265 -5.14 -13.11 -4.28
N SER A 266 -4.32 -12.81 -5.27
CA SER A 266 -2.96 -12.35 -5.00
C SER A 266 -2.94 -11.07 -4.18
N PHE A 267 -1.97 -10.96 -3.28
CA PHE A 267 -1.86 -9.77 -2.46
C PHE A 267 -1.55 -8.59 -3.37
N LEU A 268 -1.00 -8.87 -4.54
CA LEU A 268 -0.67 -7.82 -5.51
C LEU A 268 -1.93 -7.09 -5.98
N ASP A 269 -3.04 -7.81 -6.09
CA ASP A 269 -4.28 -7.17 -6.52
C ASP A 269 -4.89 -6.34 -5.40
N LYS A 270 -4.62 -6.72 -4.15
CA LYS A 270 -5.12 -5.94 -3.03
C LYS A 270 -4.43 -4.58 -3.08
N GLN A 271 -3.12 -4.60 -3.33
CA GLN A 271 -2.35 -3.36 -3.41
C GLN A 271 -2.81 -2.53 -4.63
N ALA A 272 -3.16 -3.21 -5.72
CA ALA A 272 -3.64 -2.53 -6.92
C ALA A 272 -4.98 -1.86 -6.61
N GLU A 273 -5.79 -2.55 -5.82
CA GLU A 273 -7.10 -2.03 -5.43
C GLU A 273 -6.88 -0.77 -4.58
N GLU A 274 -5.88 -0.84 -3.70
CA GLU A 274 -5.52 0.27 -2.82
C GLU A 274 -5.15 1.52 -3.62
N ARG A 275 -4.20 1.36 -4.54
CA ARG A 275 -3.75 2.46 -5.39
C ARG A 275 -4.91 3.05 -6.19
N SER A 276 -5.84 2.17 -6.58
CA SER A 276 -6.99 2.58 -7.38
C SER A 276 -7.97 3.45 -6.59
N TRP A 277 -8.26 3.08 -5.34
CA TRP A 277 -9.16 3.90 -4.52
C TRP A 277 -8.46 5.24 -4.37
N ASP A 278 -7.14 5.22 -4.22
CA ASP A 278 -6.36 6.43 -4.04
C ASP A 278 -6.40 7.39 -5.24
N ILE A 279 -6.16 6.88 -6.45
CA ILE A 279 -6.16 7.72 -7.64
C ILE A 279 -7.55 8.24 -7.97
N ASN A 280 -8.57 7.45 -7.65
CA ASN A 280 -9.95 7.84 -7.94
C ASN A 280 -10.53 8.75 -6.85
N LEU A 281 -10.56 8.24 -5.63
CA LEU A 281 -11.11 8.98 -4.50
C LEU A 281 -10.12 9.83 -3.70
N GLY A 282 -9.06 9.20 -3.22
CA GLY A 282 -8.05 9.87 -2.42
C GLY A 282 -7.42 11.11 -3.03
N TRP A 283 -7.33 11.13 -4.35
CA TRP A 283 -6.74 12.24 -5.08
C TRP A 283 -7.26 13.58 -4.57
N PHE A 284 -8.58 13.70 -4.43
CA PHE A 284 -9.19 14.94 -3.96
C PHE A 284 -9.72 14.86 -2.53
N LEU A 285 -9.97 13.64 -2.06
CA LEU A 285 -10.47 13.45 -0.71
C LEU A 285 -9.38 13.72 0.33
N GLU A 286 -8.23 13.08 0.20
CA GLU A 286 -7.16 13.28 1.19
C GLU A 286 -6.71 14.72 1.34
N PRO A 287 -6.64 15.49 0.24
CA PRO A 287 -6.21 16.88 0.40
C PRO A 287 -7.17 17.65 1.31
N VAL A 288 -8.48 17.44 1.16
CA VAL A 288 -9.45 18.15 1.98
C VAL A 288 -9.55 17.57 3.39
N VAL A 289 -9.11 16.32 3.56
CA VAL A 289 -9.14 15.71 4.87
C VAL A 289 -7.90 16.04 5.69
N ARG A 290 -6.73 15.92 5.09
CA ARG A 290 -5.47 16.18 5.80
C ARG A 290 -4.57 17.25 5.20
N GLY A 291 -4.94 17.80 4.06
CA GLY A 291 -4.12 18.83 3.46
C GLY A 291 -3.06 18.39 2.47
N ASP A 292 -3.11 17.15 2.01
CA ASP A 292 -2.13 16.65 1.03
C ASP A 292 -2.66 15.45 0.24
N TYR A 293 -2.04 15.18 -0.90
CA TYR A 293 -2.42 14.07 -1.76
C TYR A 293 -2.01 12.74 -1.13
N PRO A 294 -2.60 11.62 -1.62
CA PRO A 294 -2.25 10.32 -1.07
C PRO A 294 -0.77 10.00 -1.30
N PHE A 295 -0.15 9.31 -0.36
CA PHE A 295 1.26 8.94 -0.48
C PHE A 295 1.50 8.21 -1.81
N SER A 296 0.65 7.25 -2.13
CA SER A 296 0.81 6.48 -3.36
C SER A 296 0.97 7.36 -4.60
N MET A 297 0.09 8.36 -4.73
CA MET A 297 0.15 9.26 -5.88
C MET A 297 1.46 10.06 -5.92
N ARG A 298 1.93 10.53 -4.77
CA ARG A 298 3.17 11.29 -4.75
C ARG A 298 4.36 10.41 -5.10
N SER A 299 4.34 9.16 -4.67
CA SER A 299 5.44 8.24 -4.96
C SER A 299 5.44 7.80 -6.43
N LEU A 300 4.31 7.90 -7.10
CA LEU A 300 4.23 7.48 -8.50
C LEU A 300 4.26 8.60 -9.52
N ALA A 301 3.53 9.69 -9.27
CA ALA A 301 3.53 10.80 -10.21
C ALA A 301 4.72 11.71 -9.95
N ARG A 302 5.26 11.64 -8.74
CA ARG A 302 6.42 12.46 -8.35
C ARG A 302 6.22 13.94 -8.65
N GLU A 303 7.19 14.60 -9.30
CA GLU A 303 7.04 16.03 -9.56
C GLU A 303 5.87 16.43 -10.46
N ARG A 304 5.21 15.45 -11.09
CA ARG A 304 4.05 15.78 -11.93
C ARG A 304 2.86 16.13 -11.03
N LEU A 305 3.00 15.90 -9.73
CA LEU A 305 1.95 16.21 -8.76
C LEU A 305 2.49 17.38 -7.93
N PRO A 306 1.92 18.59 -8.12
CA PRO A 306 2.36 19.78 -7.39
C PRO A 306 2.34 19.68 -5.87
N PHE A 307 3.24 20.43 -5.24
CA PHE A 307 3.34 20.48 -3.79
C PHE A 307 2.46 21.64 -3.33
N PHE A 308 1.97 21.58 -2.10
CA PHE A 308 1.15 22.66 -1.56
C PHE A 308 2.00 23.52 -0.63
N LYS A 309 1.72 24.82 -0.61
CA LYS A 309 2.43 25.72 0.29
C LYS A 309 1.76 25.44 1.63
N ASP A 310 2.48 25.67 2.73
CA ASP A 310 1.92 25.42 4.06
C ASP A 310 0.60 26.16 4.27
N GLU A 311 0.54 27.41 3.81
CA GLU A 311 -0.66 28.22 3.95
C GLU A 311 -1.84 27.51 3.29
N GLN A 312 -1.56 26.80 2.19
CA GLN A 312 -2.58 26.09 1.44
C GLN A 312 -2.97 24.78 2.13
N LYS A 313 -2.00 24.08 2.68
CA LYS A 313 -2.29 22.83 3.38
C LYS A 313 -3.23 23.15 4.54
N GLU A 314 -2.98 24.27 5.21
CA GLU A 314 -3.79 24.69 6.34
C GLU A 314 -5.23 24.99 5.92
N LYS A 315 -5.38 25.70 4.80
CA LYS A 315 -6.71 26.02 4.32
C LYS A 315 -7.44 24.78 3.83
N LEU A 316 -6.70 23.85 3.23
CA LEU A 316 -7.28 22.61 2.72
C LEU A 316 -7.75 21.62 3.78
N ALA A 317 -6.93 21.41 4.80
CA ALA A 317 -7.26 20.46 5.86
C ALA A 317 -8.56 20.82 6.58
N GLY A 318 -9.54 19.91 6.49
CA GLY A 318 -10.82 20.11 7.14
C GLY A 318 -11.76 21.12 6.48
N SER A 319 -11.57 21.35 5.18
CA SER A 319 -12.39 22.31 4.45
C SER A 319 -13.71 21.72 3.96
N TYR A 320 -14.50 21.23 4.91
CA TYR A 320 -15.79 20.63 4.58
C TYR A 320 -16.58 20.33 5.85
N ASN A 321 -17.91 20.39 5.74
CA ASN A 321 -18.79 20.09 6.86
C ASN A 321 -19.52 18.80 6.50
N MET A 322 -19.49 18.46 5.22
CA MET A 322 -20.13 17.27 4.67
C MET A 322 -19.46 16.91 3.35
N LEU A 323 -19.65 15.68 2.90
CA LEU A 323 -19.04 15.24 1.65
C LEU A 323 -20.03 14.47 0.77
N GLY A 324 -19.97 14.73 -0.53
CA GLY A 324 -20.86 14.05 -1.45
C GLY A 324 -20.14 12.95 -2.20
N LEU A 325 -20.83 11.86 -2.46
CA LEU A 325 -20.26 10.74 -3.19
C LEU A 325 -21.19 10.37 -4.33
N ASN A 326 -20.67 10.41 -5.56
CA ASN A 326 -21.45 10.03 -6.73
C ASN A 326 -21.05 8.59 -7.06
N TYR A 327 -21.94 7.65 -6.74
CA TYR A 327 -21.66 6.23 -6.95
C TYR A 327 -22.57 5.55 -7.97
N TYR A 328 -21.96 4.86 -8.95
CA TYR A 328 -22.73 4.16 -9.98
C TYR A 328 -22.35 2.69 -10.14
N THR A 329 -21.06 2.39 -10.11
CA THR A 329 -20.60 1.03 -10.33
C THR A 329 -19.23 0.77 -9.68
N SER A 330 -18.68 -0.43 -9.92
CA SER A 330 -17.38 -0.79 -9.38
C SER A 330 -16.56 -1.54 -10.43
N ARG A 331 -15.30 -1.81 -10.09
CA ARG A 331 -14.39 -2.51 -11.00
C ARG A 331 -13.43 -3.42 -10.24
N PHE A 332 -12.91 -4.43 -10.93
CA PHE A 332 -11.92 -5.33 -10.34
C PHE A 332 -10.58 -4.69 -10.69
N SER A 333 -9.73 -4.49 -9.68
CA SER A 333 -8.43 -3.88 -9.92
C SER A 333 -7.36 -4.96 -10.00
N LYS A 334 -6.60 -4.92 -11.09
CA LYS A 334 -5.54 -5.90 -11.34
C LYS A 334 -4.18 -5.23 -11.39
N ASN A 335 -3.24 -5.80 -10.64
CA ASN A 335 -1.89 -5.28 -10.58
C ASN A 335 -1.13 -5.21 -11.89
N ILE A 336 -0.25 -4.21 -11.95
CA ILE A 336 0.64 -3.99 -13.08
C ILE A 336 1.95 -3.59 -12.39
N ASP A 337 3.03 -4.30 -12.66
CA ASP A 337 4.31 -4.00 -12.04
C ASP A 337 5.07 -2.87 -12.70
N ILE A 338 5.88 -2.18 -11.90
CA ILE A 338 6.72 -1.11 -12.41
C ILE A 338 7.82 -1.88 -13.14
N SER A 339 8.14 -1.45 -14.37
CA SER A 339 9.17 -2.13 -15.14
C SER A 339 9.61 -1.27 -16.31
N PRO A 340 10.77 -1.59 -16.91
CA PRO A 340 11.26 -0.81 -18.05
C PRO A 340 10.41 -1.00 -19.29
N ASN A 341 9.54 -2.01 -19.25
CA ASN A 341 8.66 -2.32 -20.37
C ASN A 341 7.29 -1.65 -20.27
N TYR A 342 7.04 -0.91 -19.19
CA TYR A 342 5.76 -0.24 -19.04
C TYR A 342 5.92 1.26 -18.75
N SER A 343 5.13 2.07 -19.44
CA SER A 343 5.15 3.51 -19.26
C SER A 343 3.73 4.04 -19.18
N PRO A 344 3.42 4.83 -18.14
CA PRO A 344 2.06 5.37 -18.02
C PRO A 344 1.78 6.31 -19.19
N VAL A 345 0.53 6.33 -19.65
CA VAL A 345 0.13 7.20 -20.76
C VAL A 345 -0.87 8.22 -20.22
N LEU A 346 -1.90 7.73 -19.56
CA LEU A 346 -2.93 8.59 -18.97
C LEU A 346 -2.58 8.80 -17.51
N ASN A 347 -3.02 9.91 -16.92
CA ASN A 347 -2.74 10.19 -15.52
C ASN A 347 -3.23 9.04 -14.65
N THR A 348 -4.34 8.42 -15.05
CA THR A 348 -4.91 7.31 -14.30
C THR A 348 -4.02 6.06 -14.35
N ASP A 349 -3.07 6.02 -15.29
CA ASP A 349 -2.17 4.87 -15.38
C ASP A 349 -1.15 4.93 -14.25
N ASP A 350 -1.04 6.09 -13.61
CA ASP A 350 -0.10 6.25 -12.50
C ASP A 350 -0.46 5.30 -11.35
N ALA A 351 -1.68 4.78 -11.36
CA ALA A 351 -2.13 3.88 -10.31
C ALA A 351 -1.58 2.46 -10.51
N TYR A 352 -0.97 2.22 -11.68
CA TYR A 352 -0.42 0.91 -12.01
C TYR A 352 -1.37 -0.22 -11.71
N ALA A 353 -2.55 -0.15 -12.33
CA ALA A 353 -3.58 -1.16 -12.15
C ALA A 353 -4.56 -1.09 -13.31
N SER A 354 -5.06 -2.24 -13.73
CA SER A 354 -6.06 -2.24 -14.81
C SER A 354 -7.40 -2.38 -14.11
N GLN A 355 -8.40 -1.67 -14.62
CA GLN A 355 -9.73 -1.73 -14.05
C GLN A 355 -10.55 -2.65 -14.95
N GLU A 356 -10.99 -3.78 -14.39
CA GLU A 356 -11.73 -4.78 -15.15
C GLU A 356 -13.19 -4.92 -14.75
N VAL A 357 -14.03 -5.21 -15.74
CA VAL A 357 -15.46 -5.42 -15.52
C VAL A 357 -15.67 -6.88 -15.13
N ASN A 358 -15.02 -7.78 -15.85
CA ASN A 358 -15.12 -9.21 -15.62
C ASN A 358 -13.99 -9.73 -14.73
N GLY A 359 -14.36 -10.51 -13.72
CA GLY A 359 -13.37 -11.05 -12.80
C GLY A 359 -12.65 -12.27 -13.33
N PRO A 360 -11.80 -12.91 -12.52
CA PRO A 360 -11.07 -14.10 -12.96
C PRO A 360 -11.95 -15.28 -13.39
N ASP A 361 -13.17 -15.33 -12.85
CA ASP A 361 -14.09 -16.42 -13.22
C ASP A 361 -14.86 -16.11 -14.49
N GLY A 362 -14.63 -14.93 -15.06
CA GLY A 362 -15.29 -14.52 -16.28
C GLY A 362 -16.61 -13.77 -16.14
N LYS A 363 -17.13 -13.71 -14.93
CA LYS A 363 -18.40 -13.06 -14.66
C LYS A 363 -18.23 -11.56 -14.39
N PRO A 364 -19.13 -10.72 -14.92
CA PRO A 364 -19.05 -9.27 -14.71
C PRO A 364 -19.19 -9.00 -13.22
N ILE A 365 -18.56 -7.92 -12.73
CA ILE A 365 -18.64 -7.59 -11.31
C ILE A 365 -20.07 -7.54 -10.83
N GLY A 366 -20.98 -7.19 -11.76
CA GLY A 366 -22.40 -7.11 -11.46
C GLY A 366 -23.19 -7.09 -12.76
N PRO A 367 -24.52 -7.21 -12.71
CA PRO A 367 -25.33 -7.20 -13.93
C PRO A 367 -25.25 -5.87 -14.67
N PRO A 368 -25.14 -5.92 -16.01
CA PRO A 368 -25.06 -4.68 -16.79
C PRO A 368 -26.37 -3.92 -16.68
N MET A 369 -26.29 -2.58 -16.59
CA MET A 369 -27.49 -1.77 -16.47
C MET A 369 -27.93 -1.12 -17.78
N GLY A 370 -27.23 -1.43 -18.86
CA GLY A 370 -27.63 -0.86 -20.14
C GLY A 370 -26.56 -0.11 -20.91
N ASN A 371 -26.00 0.93 -20.32
CA ASN A 371 -24.98 1.70 -21.03
C ASN A 371 -23.63 0.98 -21.05
N PRO A 372 -22.62 1.59 -21.69
CA PRO A 372 -21.30 0.94 -21.74
C PRO A 372 -20.47 0.81 -20.46
N TRP A 373 -20.83 1.50 -19.39
CA TRP A 373 -19.98 1.40 -18.20
C TRP A 373 -20.63 1.07 -16.85
N ILE A 374 -21.94 1.15 -16.74
CA ILE A 374 -22.58 0.86 -15.47
C ILE A 374 -22.99 -0.58 -15.19
N TYR A 375 -22.36 -1.17 -14.18
CA TYR A 375 -22.65 -2.52 -13.76
C TYR A 375 -23.10 -2.43 -12.30
N MET A 376 -24.26 -3.00 -12.03
CA MET A 376 -24.87 -2.98 -10.70
C MET A 376 -24.09 -3.76 -9.64
N TYR A 377 -23.56 -3.04 -8.67
CA TYR A 377 -22.79 -3.62 -7.58
C TYR A 377 -22.99 -2.76 -6.34
N PRO A 378 -24.15 -2.90 -5.69
CA PRO A 378 -24.40 -2.09 -4.48
C PRO A 378 -23.41 -2.36 -3.35
N GLU A 379 -22.83 -3.56 -3.33
CA GLU A 379 -21.89 -3.92 -2.29
C GLU A 379 -20.69 -2.99 -2.35
N GLY A 380 -20.41 -2.46 -3.53
CA GLY A 380 -19.30 -1.53 -3.69
C GLY A 380 -19.59 -0.25 -2.93
N LEU A 381 -20.85 0.15 -2.86
CA LEU A 381 -21.23 1.36 -2.14
C LEU A 381 -20.98 1.15 -0.65
N LYS A 382 -21.31 -0.05 -0.18
CA LYS A 382 -21.10 -0.40 1.21
C LYS A 382 -19.60 -0.37 1.54
N ASP A 383 -18.79 -0.91 0.64
CA ASP A 383 -17.34 -0.91 0.83
C ASP A 383 -16.84 0.52 0.93
N LEU A 384 -17.42 1.40 0.12
CA LEU A 384 -17.05 2.81 0.10
C LEU A 384 -17.40 3.49 1.43
N LEU A 385 -18.60 3.25 1.93
CA LEU A 385 -19.02 3.87 3.19
C LEU A 385 -18.21 3.36 4.37
N MET A 386 -17.75 2.12 4.31
CA MET A 386 -16.94 1.57 5.38
C MET A 386 -15.58 2.25 5.37
N ILE A 387 -15.05 2.51 4.17
CA ILE A 387 -13.77 3.18 4.06
C ILE A 387 -13.90 4.57 4.66
N MET A 388 -14.97 5.29 4.28
CA MET A 388 -15.18 6.64 4.80
C MET A 388 -15.30 6.61 6.32
N LYS A 389 -15.97 5.58 6.84
CA LYS A 389 -16.17 5.45 8.28
C LYS A 389 -14.91 5.06 9.05
N ASN A 390 -14.21 4.04 8.56
CA ASN A 390 -13.03 3.53 9.23
C ASN A 390 -11.71 4.21 8.94
N LYS A 391 -11.58 4.83 7.77
CA LYS A 391 -10.33 5.47 7.40
C LYS A 391 -10.32 7.00 7.39
N TYR A 392 -11.43 7.61 7.00
CA TYR A 392 -11.46 9.07 6.92
C TYR A 392 -12.31 9.84 7.93
N GLY A 393 -12.46 9.30 9.14
CA GLY A 393 -13.18 10.01 10.18
C GLY A 393 -14.70 9.92 10.20
N ASN A 394 -15.28 9.05 9.38
CA ASN A 394 -16.74 8.89 9.34
C ASN A 394 -17.51 10.21 9.25
N PRO A 395 -17.09 11.11 8.33
CA PRO A 395 -17.77 12.41 8.18
C PRO A 395 -19.19 12.29 7.63
N PRO A 396 -20.01 13.35 7.80
CA PRO A 396 -21.38 13.30 7.29
C PRO A 396 -21.30 13.06 5.78
N ILE A 397 -22.06 12.09 5.29
CA ILE A 397 -22.03 11.75 3.88
C ILE A 397 -23.37 11.75 3.17
N TYR A 398 -23.36 12.26 1.94
CA TYR A 398 -24.54 12.29 1.10
C TYR A 398 -24.21 11.60 -0.20
N ILE A 399 -25.09 10.69 -0.63
CA ILE A 399 -24.88 10.03 -1.91
C ILE A 399 -25.52 11.05 -2.83
N THR A 400 -24.69 11.96 -3.35
CA THR A 400 -25.18 13.02 -4.22
C THR A 400 -25.54 12.63 -5.65
N GLU A 401 -25.29 11.38 -6.01
CA GLU A 401 -25.61 10.87 -7.33
C GLU A 401 -25.62 9.35 -7.34
N ASN A 402 -26.65 8.78 -7.96
CA ASN A 402 -26.80 7.32 -8.08
C ASN A 402 -27.95 7.03 -9.03
N GLY A 403 -27.69 6.20 -10.03
CA GLY A 403 -28.72 5.86 -11.00
C GLY A 403 -28.14 5.13 -12.20
N ILE A 404 -28.95 4.98 -13.25
CA ILE A 404 -28.49 4.32 -14.47
C ILE A 404 -29.00 5.08 -15.68
N GLY A 405 -28.43 4.78 -16.84
CA GLY A 405 -28.84 5.43 -18.06
C GLY A 405 -29.38 4.45 -19.10
N ASP A 406 -30.66 4.56 -19.42
CA ASP A 406 -31.29 3.71 -20.40
C ASP A 406 -30.82 4.14 -21.79
N VAL A 407 -30.30 3.21 -22.57
CA VAL A 407 -29.84 3.53 -23.92
C VAL A 407 -31.02 3.86 -24.82
N ASP A 408 -30.95 5.00 -25.50
CA ASP A 408 -32.00 5.45 -26.41
C ASP A 408 -31.32 6.16 -27.57
N THR A 409 -30.98 5.40 -28.60
CA THR A 409 -30.30 5.94 -29.77
C THR A 409 -31.20 5.93 -30.99
N LYS A 410 -30.77 6.61 -32.04
CA LYS A 410 -31.52 6.67 -33.28
C LYS A 410 -31.50 5.30 -33.97
N GLU A 411 -30.39 4.59 -33.83
CA GLU A 411 -30.26 3.25 -34.42
C GLU A 411 -31.24 2.32 -33.73
N THR A 412 -31.19 2.32 -32.40
CA THR A 412 -32.06 1.47 -31.59
C THR A 412 -32.91 2.31 -30.65
N PRO A 413 -33.94 2.98 -31.20
CA PRO A 413 -34.81 3.82 -30.38
C PRO A 413 -35.52 3.07 -29.27
N LEU A 414 -35.62 3.71 -28.11
CA LEU A 414 -36.29 3.12 -26.96
C LEU A 414 -37.75 3.55 -26.93
N PRO A 415 -38.69 2.59 -27.07
CA PRO A 415 -40.10 2.97 -27.04
C PRO A 415 -40.40 3.72 -25.75
N MET A 416 -41.09 4.84 -25.87
CA MET A 416 -41.43 5.67 -24.73
C MET A 416 -42.10 4.87 -23.62
N GLU A 417 -42.96 3.92 -24.00
CA GLU A 417 -43.65 3.10 -23.02
C GLU A 417 -42.65 2.28 -22.22
N ALA A 418 -41.61 1.80 -22.89
CA ALA A 418 -40.58 1.01 -22.22
C ALA A 418 -39.72 1.95 -21.38
N ALA A 419 -39.56 3.18 -21.86
CA ALA A 419 -38.76 4.17 -21.17
C ALA A 419 -39.42 4.53 -19.85
N LEU A 420 -40.75 4.52 -19.83
CA LEU A 420 -41.50 4.86 -18.62
C LEU A 420 -41.56 3.71 -17.64
N ASN A 421 -41.54 2.48 -18.16
CA ASN A 421 -41.58 1.29 -17.30
C ASN A 421 -40.12 0.92 -16.99
N ASP A 422 -39.42 1.83 -16.34
CA ASP A 422 -38.00 1.64 -16.01
C ASP A 422 -37.76 0.75 -14.79
N TYR A 423 -38.25 -0.48 -14.85
CA TYR A 423 -38.10 -1.40 -13.73
C TYR A 423 -36.65 -1.71 -13.38
N LYS A 424 -35.78 -1.70 -14.38
CA LYS A 424 -34.37 -1.97 -14.15
C LYS A 424 -33.82 -0.87 -13.26
N ARG A 425 -34.16 0.38 -13.59
CA ARG A 425 -33.71 1.51 -12.80
C ARG A 425 -34.31 1.44 -11.40
N LEU A 426 -35.60 1.10 -11.33
CA LEU A 426 -36.25 1.00 -10.03
C LEU A 426 -35.54 -0.02 -9.14
N ASP A 427 -35.24 -1.16 -9.73
CA ASP A 427 -34.56 -2.22 -9.00
C ASP A 427 -33.22 -1.72 -8.47
N TYR A 428 -32.44 -1.11 -9.36
CA TYR A 428 -31.13 -0.56 -9.02
C TYR A 428 -31.24 0.47 -7.88
N ILE A 429 -32.20 1.37 -8.00
CA ILE A 429 -32.39 2.41 -6.98
C ILE A 429 -32.74 1.79 -5.62
N GLN A 430 -33.70 0.87 -5.63
CA GLN A 430 -34.14 0.21 -4.41
C GLN A 430 -32.99 -0.53 -3.72
N ARG A 431 -32.18 -1.22 -4.49
CA ARG A 431 -31.07 -1.98 -3.94
C ARG A 431 -30.00 -1.10 -3.29
N HIS A 432 -29.71 0.05 -3.89
CA HIS A 432 -28.69 0.93 -3.32
C HIS A 432 -29.20 1.64 -2.06
N ILE A 433 -30.49 1.95 -2.03
CA ILE A 433 -31.06 2.58 -0.86
C ILE A 433 -31.02 1.55 0.25
N ALA A 434 -31.35 0.31 -0.09
CA ALA A 434 -31.32 -0.78 0.88
C ALA A 434 -29.91 -0.93 1.44
N THR A 435 -28.91 -0.72 0.58
CA THR A 435 -27.53 -0.83 1.02
C THR A 435 -27.19 0.27 2.02
N LEU A 436 -27.81 1.44 1.87
CA LEU A 436 -27.56 2.53 2.80
C LEU A 436 -28.06 2.14 4.18
N LYS A 437 -29.17 1.42 4.22
CA LYS A 437 -29.75 0.96 5.48
C LYS A 437 -28.78 -0.03 6.13
N GLU A 438 -28.18 -0.88 5.31
CA GLU A 438 -27.22 -1.86 5.81
C GLU A 438 -25.96 -1.17 6.32
N SER A 439 -25.50 -0.14 5.62
CA SER A 439 -24.32 0.60 6.01
C SER A 439 -24.57 1.42 7.27
N ILE A 440 -25.77 1.94 7.41
CA ILE A 440 -26.13 2.72 8.59
C ILE A 440 -26.06 1.79 9.81
N ASP A 441 -26.60 0.59 9.67
CA ASP A 441 -26.58 -0.37 10.76
C ASP A 441 -25.14 -0.73 11.10
N LEU A 442 -24.22 -0.43 10.19
CA LEU A 442 -22.81 -0.73 10.40
C LEU A 442 -22.01 0.46 10.95
N GLY A 443 -22.70 1.58 11.21
CA GLY A 443 -22.03 2.74 11.76
C GLY A 443 -21.78 3.89 10.78
N SER A 444 -22.12 3.70 9.51
CA SER A 444 -21.91 4.75 8.51
C SER A 444 -22.67 6.03 8.86
N ASN A 445 -22.01 7.17 8.68
CA ASN A 445 -22.62 8.46 8.97
C ASN A 445 -23.29 9.06 7.74
N VAL A 446 -23.85 8.21 6.88
CA VAL A 446 -24.52 8.69 5.68
C VAL A 446 -25.82 9.38 6.11
N GLN A 447 -26.09 10.54 5.53
CA GLN A 447 -27.27 11.33 5.87
C GLN A 447 -28.29 11.54 4.76
N GLY A 448 -27.93 11.18 3.53
CA GLY A 448 -28.87 11.39 2.45
C GLY A 448 -28.57 10.66 1.16
N TYR A 449 -29.55 10.68 0.26
CA TYR A 449 -29.44 10.02 -1.03
C TYR A 449 -30.13 10.83 -2.12
N PHE A 450 -29.43 11.05 -3.23
CA PHE A 450 -29.99 11.80 -4.35
C PHE A 450 -29.94 10.94 -5.61
N ALA A 451 -31.10 10.59 -6.16
CA ALA A 451 -31.13 9.81 -7.39
C ALA A 451 -30.61 10.73 -8.47
N TRP A 452 -29.65 10.25 -9.28
CA TRP A 452 -29.13 11.11 -10.31
C TRP A 452 -30.05 11.24 -11.48
N SER A 453 -30.30 12.50 -11.84
CA SER A 453 -31.13 12.86 -12.96
C SER A 453 -32.62 12.81 -12.64
N LEU A 454 -33.13 13.94 -12.17
CA LEU A 454 -34.54 14.06 -11.90
C LEU A 454 -35.18 14.02 -13.28
N LEU A 455 -34.43 14.44 -14.29
CA LEU A 455 -34.90 14.53 -15.67
C LEU A 455 -33.96 13.91 -16.69
N ASP A 456 -34.50 13.41 -17.80
CA ASP A 456 -33.64 12.88 -18.86
C ASP A 456 -32.95 14.14 -19.36
N ASN A 457 -31.64 14.09 -19.54
CA ASN A 457 -30.91 15.27 -19.96
C ASN A 457 -29.76 14.98 -20.92
N PHE A 458 -28.96 16.01 -21.20
CA PHE A 458 -27.81 15.88 -22.08
C PHE A 458 -26.72 15.19 -21.26
N GLU A 459 -26.33 13.99 -21.69
CA GLU A 459 -25.32 13.22 -20.97
C GLU A 459 -23.89 13.34 -21.49
N TRP A 460 -23.42 14.58 -21.59
CA TRP A 460 -22.06 14.87 -22.03
C TRP A 460 -21.66 14.25 -23.38
N PHE A 461 -20.53 13.54 -23.44
CA PHE A 461 -20.13 12.97 -24.73
C PHE A 461 -21.09 11.90 -25.25
N ALA A 462 -22.00 11.47 -24.39
CA ALA A 462 -22.99 10.47 -24.77
C ALA A 462 -24.19 11.18 -25.40
N GLY A 463 -24.20 12.51 -25.31
CA GLY A 463 -25.29 13.29 -25.87
C GLY A 463 -26.62 12.87 -25.29
N PHE A 464 -27.61 12.65 -26.16
CA PHE A 464 -28.92 12.24 -25.71
C PHE A 464 -29.16 10.75 -25.90
N THR A 465 -28.09 9.98 -26.08
CA THR A 465 -28.21 8.54 -26.27
C THR A 465 -28.50 7.82 -24.96
N GLU A 466 -28.47 8.55 -23.85
CA GLU A 466 -28.74 7.96 -22.55
C GLU A 466 -29.70 8.79 -21.70
N ARG A 467 -30.73 8.12 -21.18
CA ARG A 467 -31.72 8.76 -20.33
C ARG A 467 -31.52 8.31 -18.89
N TYR A 468 -31.08 9.22 -18.03
CA TYR A 468 -30.84 8.91 -16.62
C TYR A 468 -31.95 9.39 -15.69
N GLY A 469 -32.96 10.05 -16.24
CA GLY A 469 -34.02 10.58 -15.41
C GLY A 469 -35.02 9.62 -14.79
N ILE A 470 -35.59 10.03 -13.66
CA ILE A 470 -36.61 9.24 -13.00
C ILE A 470 -37.90 9.82 -13.57
N VAL A 471 -37.73 10.93 -14.29
CA VAL A 471 -38.81 11.62 -14.96
C VAL A 471 -38.39 11.75 -16.43
N TYR A 472 -39.25 11.26 -17.32
CA TYR A 472 -38.99 11.29 -18.76
C TYR A 472 -39.18 12.68 -19.34
N VAL A 473 -38.34 13.03 -20.32
CA VAL A 473 -38.45 14.33 -20.97
C VAL A 473 -38.58 14.12 -22.47
N ASP A 474 -39.75 14.47 -23.02
CA ASP A 474 -40.00 14.32 -24.44
C ASP A 474 -39.52 15.57 -25.17
N ARG A 475 -38.27 15.56 -25.60
CA ARG A 475 -37.69 16.70 -26.30
C ARG A 475 -38.43 16.98 -27.61
N ASN A 476 -39.13 15.96 -28.12
CA ASN A 476 -39.89 16.13 -29.36
C ASN A 476 -41.11 17.00 -29.13
N ASN A 477 -41.77 16.80 -28.00
CA ASN A 477 -42.97 17.56 -27.68
C ASN A 477 -42.79 18.56 -26.53
N ASN A 478 -42.16 19.70 -26.83
CA ASN A 478 -41.94 20.76 -25.87
C ASN A 478 -41.31 20.31 -24.56
N CYS A 479 -40.41 19.33 -24.62
CA CYS A 479 -39.72 18.82 -23.45
C CYS A 479 -40.68 18.45 -22.32
N THR A 480 -41.86 17.97 -22.69
CA THR A 480 -42.86 17.59 -21.70
C THR A 480 -42.35 16.50 -20.77
N ARG A 481 -42.67 16.64 -19.48
CA ARG A 481 -42.23 15.66 -18.50
C ARG A 481 -43.25 14.54 -18.28
N TYR A 482 -42.75 13.34 -18.03
CA TYR A 482 -43.59 12.17 -17.77
C TYR A 482 -42.98 11.35 -16.63
N MET A 483 -43.77 11.06 -15.62
CA MET A 483 -43.30 10.28 -14.47
C MET A 483 -43.00 8.85 -14.92
N LYS A 484 -41.86 8.32 -14.50
CA LYS A 484 -41.50 6.94 -14.84
C LYS A 484 -41.82 6.12 -13.60
N GLU A 485 -41.78 4.79 -13.73
CA GLU A 485 -42.07 3.91 -12.60
C GLU A 485 -41.17 4.19 -11.40
N SER A 486 -39.90 4.49 -11.67
CA SER A 486 -38.97 4.79 -10.59
C SER A 486 -39.48 5.99 -9.80
N ALA A 487 -39.87 7.05 -10.51
CA ALA A 487 -40.40 8.25 -9.86
C ALA A 487 -41.66 7.93 -9.07
N LYS A 488 -42.55 7.13 -9.64
CA LYS A 488 -43.78 6.77 -8.97
C LYS A 488 -43.51 6.02 -7.67
N TRP A 489 -42.50 5.15 -7.66
CA TRP A 489 -42.17 4.42 -6.44
C TRP A 489 -41.58 5.37 -5.40
N LEU A 490 -40.72 6.27 -5.85
CA LEU A 490 -40.11 7.23 -4.93
C LEU A 490 -41.20 8.09 -4.31
N LYS A 491 -42.21 8.42 -5.11
CA LYS A 491 -43.35 9.21 -4.64
C LYS A 491 -44.00 8.46 -3.47
N GLU A 492 -44.27 7.19 -3.68
CA GLU A 492 -44.89 6.36 -2.66
C GLU A 492 -43.98 6.22 -1.44
N PHE A 493 -42.70 6.00 -1.71
CA PHE A 493 -41.70 5.86 -0.65
C PHE A 493 -41.72 7.03 0.32
N ASN A 494 -41.65 8.25 -0.21
CA ASN A 494 -41.65 9.45 0.64
C ASN A 494 -42.99 9.80 1.31
N THR A 495 -44.10 9.40 0.70
CA THR A 495 -45.41 9.72 1.28
C THR A 495 -45.65 9.02 2.61
N SER B 11 -1.05 -25.06 32.28
CA SER B 11 -0.13 -23.89 32.27
C SER B 11 0.17 -23.46 30.84
N GLU B 12 0.55 -22.20 30.67
CA GLU B 12 0.87 -21.68 29.36
C GLU B 12 2.36 -21.79 29.04
N ILE B 13 3.11 -22.45 29.92
CA ILE B 13 4.53 -22.63 29.68
C ILE B 13 4.57 -23.77 28.66
N PRO B 14 5.15 -23.52 27.49
CA PRO B 14 5.25 -24.51 26.40
C PRO B 14 5.69 -25.92 26.81
N GLN B 15 5.02 -26.90 26.23
CA GLN B 15 5.33 -28.30 26.48
C GLN B 15 5.61 -28.88 25.09
N ARG B 16 6.47 -29.88 25.00
CA ARG B 16 6.76 -30.46 23.70
C ARG B 16 5.51 -31.03 23.05
N ASP B 17 4.57 -31.54 23.85
CA ASP B 17 3.36 -32.11 23.27
C ASP B 17 2.42 -31.04 22.72
N TRP B 18 2.81 -29.77 22.83
CA TRP B 18 2.01 -28.69 22.28
C TRP B 18 2.20 -28.70 20.76
N PHE B 19 3.31 -29.27 20.32
CA PHE B 19 3.61 -29.29 18.89
C PHE B 19 3.61 -30.66 18.23
N PRO B 20 3.31 -30.70 16.92
CA PRO B 20 3.28 -31.95 16.15
C PRO B 20 4.54 -32.79 16.34
N SER B 21 4.41 -34.09 16.13
CA SER B 21 5.54 -34.99 16.27
C SER B 21 6.69 -34.60 15.32
N ASP B 22 6.33 -34.09 14.14
CA ASP B 22 7.34 -33.71 13.15
C ASP B 22 8.01 -32.36 13.39
N PHE B 23 7.47 -31.57 14.33
CA PHE B 23 8.03 -30.26 14.62
C PHE B 23 9.52 -30.35 14.95
N THR B 24 10.26 -29.29 14.66
CA THR B 24 11.70 -29.25 14.89
C THR B 24 12.16 -28.19 15.90
N PHE B 25 13.02 -28.60 16.82
CA PHE B 25 13.58 -27.72 17.83
C PHE B 25 15.10 -27.86 17.79
N GLY B 26 15.80 -26.74 17.65
CA GLY B 26 17.25 -26.77 17.61
C GLY B 26 17.93 -25.53 18.15
N ALA B 27 19.19 -25.37 17.78
CA ALA B 27 19.99 -24.21 18.18
C ALA B 27 20.76 -23.78 16.94
N ALA B 28 21.26 -22.55 16.92
CA ALA B 28 21.98 -22.06 15.76
C ALA B 28 23.23 -21.25 16.08
N THR B 29 24.17 -21.26 15.14
CA THR B 29 25.42 -20.52 15.23
C THR B 29 25.86 -20.17 13.80
N SER B 30 26.96 -19.43 13.67
CA SER B 30 27.50 -19.09 12.36
C SER B 30 29.01 -19.30 12.46
N ALA B 31 29.64 -19.59 11.33
CA ALA B 31 31.07 -19.86 11.26
C ALA B 31 32.02 -18.86 11.90
N TYR B 32 32.04 -17.62 11.41
CA TYR B 32 32.95 -16.62 11.94
C TYR B 32 32.73 -16.36 13.43
N GLN B 33 31.48 -16.52 13.86
CA GLN B 33 31.14 -16.24 15.25
C GLN B 33 31.63 -17.26 16.28
N ILE B 34 31.73 -18.53 15.90
CA ILE B 34 32.15 -19.55 16.87
C ILE B 34 33.40 -20.37 16.56
N GLU B 35 33.73 -20.52 15.28
CA GLU B 35 34.86 -21.37 14.88
C GLU B 35 36.27 -21.11 15.37
N GLY B 36 36.77 -19.88 15.21
CA GLY B 36 38.15 -19.61 15.60
C GLY B 36 39.03 -20.16 14.48
N ALA B 37 40.27 -20.55 14.79
CA ALA B 37 41.19 -21.07 13.77
C ALA B 37 41.04 -20.28 12.49
N TRP B 38 41.02 -18.94 12.62
CA TRP B 38 40.84 -18.05 11.49
C TRP B 38 41.83 -18.21 10.33
N ASN B 39 43.07 -18.61 10.62
CA ASN B 39 44.05 -18.82 9.55
C ASN B 39 44.72 -20.18 9.65
N GLU B 40 44.03 -21.12 10.30
CA GLU B 40 44.58 -22.47 10.45
C GLU B 40 44.22 -23.39 9.30
N ASP B 41 45.11 -24.35 9.05
CA ASP B 41 44.93 -25.35 8.00
C ASP B 41 44.51 -24.79 6.64
N GLY B 42 45.22 -23.78 6.18
CA GLY B 42 44.91 -23.20 4.88
C GLY B 42 43.72 -22.30 4.71
N LYS B 43 42.93 -22.08 5.77
CA LYS B 43 41.76 -21.21 5.64
C LYS B 43 42.18 -19.81 5.17
N GLY B 44 41.45 -19.27 4.19
CA GLY B 44 41.76 -17.94 3.69
C GLY B 44 41.09 -16.84 4.49
N GLU B 45 41.61 -15.62 4.34
CA GLU B 45 41.06 -14.47 5.06
C GLU B 45 39.68 -14.10 4.54
N SER B 46 38.80 -13.70 5.46
CA SER B 46 37.45 -13.29 5.08
C SER B 46 37.32 -11.77 5.28
N ASN B 47 36.22 -11.22 4.79
CA ASN B 47 35.94 -9.81 4.93
C ASN B 47 35.93 -9.42 6.42
N TRP B 48 35.47 -10.32 7.28
CA TRP B 48 35.44 -10.02 8.71
C TRP B 48 36.78 -10.12 9.41
N ASP B 49 37.62 -11.07 8.98
CA ASP B 49 38.95 -11.18 9.56
C ASP B 49 39.60 -9.82 9.28
N HIS B 50 39.52 -9.41 8.02
CA HIS B 50 40.09 -8.16 7.52
C HIS B 50 39.59 -6.92 8.27
N PHE B 51 38.27 -6.81 8.41
CA PHE B 51 37.66 -5.67 9.08
C PHE B 51 38.05 -5.57 10.56
N CYS B 52 37.98 -6.68 11.29
CA CYS B 52 38.34 -6.69 12.70
C CYS B 52 39.82 -6.42 12.94
N HIS B 53 40.66 -6.99 12.09
CA HIS B 53 42.09 -6.80 12.23
C HIS B 53 42.51 -5.38 11.86
N ASN B 54 41.83 -4.79 10.87
CA ASN B 54 42.13 -3.43 10.43
C ASN B 54 41.49 -2.36 11.30
N HIS B 55 40.28 -2.60 11.78
CA HIS B 55 39.59 -1.62 12.60
C HIS B 55 39.03 -2.13 13.91
N PRO B 56 39.90 -2.42 14.88
CA PRO B 56 39.45 -2.93 16.18
C PRO B 56 38.56 -1.90 16.87
N GLU B 57 38.76 -0.63 16.53
CA GLU B 57 37.99 0.45 17.12
C GLU B 57 36.56 0.49 16.63
N ARG B 58 36.25 -0.32 15.61
CA ARG B 58 34.89 -0.39 15.08
C ARG B 58 34.13 -1.53 15.72
N ILE B 59 34.78 -2.21 16.66
CA ILE B 59 34.20 -3.30 17.42
C ILE B 59 34.09 -2.74 18.84
N LEU B 60 32.89 -2.81 19.42
CA LEU B 60 32.63 -2.26 20.75
C LEU B 60 33.74 -2.49 21.78
N ASP B 61 34.21 -3.73 21.92
CA ASP B 61 35.27 -4.02 22.89
C ASP B 61 36.64 -4.23 22.22
N GLY B 62 36.76 -3.82 20.96
CA GLY B 62 38.03 -3.96 20.25
C GLY B 62 38.52 -5.38 20.06
N SER B 63 37.60 -6.35 20.13
CA SER B 63 37.97 -7.74 19.97
C SER B 63 37.79 -8.22 18.53
N ASN B 64 38.08 -9.50 18.30
CA ASN B 64 37.93 -10.13 17.00
C ASN B 64 37.55 -11.59 17.24
N SER B 65 37.26 -12.35 16.19
CA SER B 65 36.89 -13.74 16.39
C SER B 65 38.01 -14.69 15.96
N ASP B 66 39.25 -14.34 16.29
CA ASP B 66 40.39 -15.18 15.95
C ASP B 66 40.20 -16.55 16.63
N ILE B 67 39.59 -16.53 17.81
CA ILE B 67 39.32 -17.75 18.57
C ILE B 67 37.83 -18.03 18.69
N GLY B 68 37.04 -16.97 18.94
CA GLY B 68 35.60 -17.12 19.08
C GLY B 68 35.27 -18.10 20.20
N ALA B 69 34.66 -19.22 19.82
CA ALA B 69 34.32 -20.27 20.77
C ALA B 69 35.20 -21.48 20.45
N ASN B 70 36.18 -21.26 19.58
CA ASN B 70 37.12 -22.30 19.17
C ASN B 70 36.41 -23.60 18.79
N SER B 71 35.30 -23.48 18.08
CA SER B 71 34.54 -24.65 17.68
C SER B 71 35.18 -25.47 16.56
N TYR B 72 36.19 -24.90 15.92
CA TYR B 72 36.91 -25.62 14.88
C TYR B 72 37.57 -26.83 15.53
N HIS B 73 38.01 -26.65 16.77
CA HIS B 73 38.66 -27.73 17.51
C HIS B 73 37.76 -28.36 18.56
N MET B 74 36.68 -27.67 18.94
CA MET B 74 35.78 -28.18 19.98
C MET B 74 34.37 -28.59 19.53
N TYR B 75 34.17 -28.75 18.23
CA TYR B 75 32.84 -29.11 17.75
C TYR B 75 32.26 -30.38 18.40
N LYS B 76 33.13 -31.31 18.81
CA LYS B 76 32.62 -32.53 19.44
C LYS B 76 31.90 -32.24 20.75
N THR B 77 32.33 -31.20 21.45
CA THR B 77 31.67 -30.84 22.70
C THR B 77 30.35 -30.18 22.31
N ASP B 78 30.37 -29.41 21.22
CA ASP B 78 29.18 -28.74 20.75
C ASP B 78 28.10 -29.78 20.44
N VAL B 79 28.50 -30.84 19.74
CA VAL B 79 27.57 -31.89 19.37
C VAL B 79 27.07 -32.66 20.58
N ARG B 80 27.94 -32.89 21.56
CA ARG B 80 27.54 -33.61 22.76
C ARG B 80 26.46 -32.85 23.52
N LEU B 81 26.64 -31.53 23.68
CA LEU B 81 25.64 -30.73 24.39
C LEU B 81 24.33 -30.71 23.62
N LEU B 82 24.41 -30.58 22.31
CA LEU B 82 23.21 -30.59 21.48
C LEU B 82 22.48 -31.89 21.75
N LYS B 83 23.24 -32.99 21.82
CA LYS B 83 22.67 -34.31 22.06
C LYS B 83 22.03 -34.38 23.43
N GLU B 84 22.76 -33.93 24.46
CA GLU B 84 22.23 -33.94 25.82
C GLU B 84 20.92 -33.15 25.94
N MET B 85 20.83 -32.03 25.23
CA MET B 85 19.62 -31.20 25.27
C MET B 85 18.47 -31.80 24.46
N GLY B 86 18.77 -32.86 23.72
CA GLY B 86 17.75 -33.50 22.91
C GLY B 86 17.27 -32.66 21.73
N MET B 87 18.16 -31.84 21.17
CA MET B 87 17.79 -31.01 20.02
C MET B 87 17.52 -31.90 18.80
N ASP B 88 16.51 -31.54 18.01
CA ASP B 88 16.18 -32.29 16.81
C ASP B 88 17.11 -31.87 15.68
N ALA B 89 17.60 -30.64 15.75
CA ALA B 89 18.46 -30.13 14.70
C ALA B 89 19.49 -29.12 15.18
N TYR B 90 20.43 -28.81 14.30
CA TYR B 90 21.47 -27.84 14.57
C TYR B 90 21.74 -27.05 13.31
N ARG B 91 21.58 -25.73 13.43
CA ARG B 91 21.81 -24.82 12.31
C ARG B 91 23.18 -24.17 12.51
N PHE B 92 24.04 -24.33 11.51
CA PHE B 92 25.39 -23.78 11.54
C PHE B 92 25.73 -23.31 10.13
N SER B 93 26.81 -22.56 9.97
CA SER B 93 27.15 -22.11 8.63
C SER B 93 28.51 -22.63 8.18
N ILE B 94 28.73 -22.58 6.88
CA ILE B 94 29.98 -23.03 6.31
C ILE B 94 30.82 -21.83 5.94
N SER B 95 32.09 -21.84 6.35
CA SER B 95 32.99 -20.74 6.04
C SER B 95 33.45 -20.82 4.60
N TRP B 96 32.96 -19.90 3.78
CA TRP B 96 33.32 -19.85 2.37
C TRP B 96 34.85 -19.91 2.21
N PRO B 97 35.59 -18.99 2.89
CA PRO B 97 37.05 -18.99 2.76
C PRO B 97 37.80 -20.18 3.38
N ARG B 98 37.12 -20.95 4.23
CA ARG B 98 37.78 -22.12 4.82
C ARG B 98 37.73 -23.25 3.77
N ILE B 99 36.70 -23.21 2.94
CA ILE B 99 36.49 -24.20 1.87
C ILE B 99 37.27 -23.82 0.60
N LEU B 100 37.17 -22.55 0.22
CA LEU B 100 37.84 -21.99 -0.96
C LEU B 100 38.62 -20.77 -0.50
N PRO B 101 39.88 -20.95 -0.06
CA PRO B 101 40.74 -19.85 0.41
C PRO B 101 40.82 -18.61 -0.49
N LYS B 102 40.72 -18.81 -1.80
CA LYS B 102 40.77 -17.67 -2.71
C LYS B 102 39.37 -17.36 -3.26
N GLY B 103 38.38 -18.03 -2.69
CA GLY B 103 37.00 -17.83 -3.08
C GLY B 103 36.57 -18.29 -4.46
N THR B 104 37.51 -18.86 -5.22
CA THR B 104 37.20 -19.31 -6.57
C THR B 104 37.59 -20.76 -6.82
N LYS B 105 37.11 -21.30 -7.94
CA LYS B 105 37.41 -22.66 -8.35
C LYS B 105 38.90 -22.70 -8.70
N GLU B 106 39.37 -21.63 -9.31
CA GLU B 106 40.77 -21.48 -9.71
C GLU B 106 41.67 -21.62 -8.48
N GLY B 107 41.28 -20.97 -7.38
CA GLY B 107 42.07 -21.04 -6.16
C GLY B 107 42.20 -22.41 -5.57
N GLY B 108 41.23 -23.29 -5.84
CA GLY B 108 41.29 -24.64 -5.32
C GLY B 108 40.54 -24.84 -4.02
N ILE B 109 40.14 -26.09 -3.78
CA ILE B 109 39.41 -26.45 -2.57
C ILE B 109 40.36 -26.85 -1.44
N ASN B 110 40.05 -26.44 -0.22
CA ASN B 110 40.87 -26.78 0.95
C ASN B 110 40.36 -28.06 1.62
N PRO B 111 41.13 -29.15 1.51
CA PRO B 111 40.80 -30.47 2.09
C PRO B 111 40.40 -30.44 3.56
N ASP B 112 41.18 -29.74 4.37
CA ASP B 112 40.91 -29.62 5.79
C ASP B 112 39.58 -28.92 6.07
N GLY B 113 39.22 -27.99 5.20
CA GLY B 113 37.96 -27.29 5.36
C GLY B 113 36.81 -28.25 5.11
N ILE B 114 36.89 -28.97 3.99
CA ILE B 114 35.88 -29.94 3.60
C ILE B 114 35.72 -31.01 4.68
N LYS B 115 36.84 -31.52 5.18
CA LYS B 115 36.85 -32.55 6.19
C LYS B 115 36.27 -32.10 7.51
N TYR B 116 36.52 -30.85 7.89
CA TYR B 116 35.98 -30.33 9.14
C TYR B 116 34.46 -30.43 9.11
N TYR B 117 33.84 -29.83 8.10
CA TYR B 117 32.39 -29.85 7.98
C TYR B 117 31.84 -31.26 7.77
N ARG B 118 32.59 -32.10 7.06
CA ARG B 118 32.15 -33.47 6.83
C ARG B 118 32.09 -34.22 8.17
N ASN B 119 33.10 -34.02 9.01
CA ASN B 119 33.14 -34.67 10.31
C ASN B 119 31.99 -34.19 11.19
N LEU B 120 31.72 -32.88 11.17
CA LEU B 120 30.66 -32.31 11.98
C LEU B 120 29.29 -32.85 11.56
N ILE B 121 29.02 -32.80 10.26
CA ILE B 121 27.77 -33.28 9.70
C ILE B 121 27.54 -34.75 10.04
N ASN B 122 28.55 -35.58 9.83
CA ASN B 122 28.42 -37.00 10.13
C ASN B 122 28.19 -37.26 11.61
N LEU B 123 28.90 -36.53 12.47
CA LEU B 123 28.74 -36.72 13.90
C LEU B 123 27.32 -36.33 14.33
N LEU B 124 26.80 -35.26 13.73
CA LEU B 124 25.45 -34.81 14.05
C LEU B 124 24.43 -35.88 13.71
N LEU B 125 24.49 -36.38 12.47
CA LEU B 125 23.58 -37.41 12.00
C LEU B 125 23.67 -38.71 12.79
N GLU B 126 24.90 -39.12 13.10
CA GLU B 126 25.09 -40.35 13.86
C GLU B 126 24.34 -40.23 15.18
N ASN B 127 24.37 -39.02 15.75
CA ASN B 127 23.71 -38.74 17.02
C ASN B 127 22.22 -38.38 16.84
N GLY B 128 21.72 -38.53 15.62
CA GLY B 128 20.32 -38.24 15.37
C GLY B 128 19.93 -36.77 15.36
N ILE B 129 20.89 -35.89 15.08
CA ILE B 129 20.63 -34.47 15.01
C ILE B 129 20.71 -34.05 13.54
N GLU B 130 19.64 -33.42 13.05
CA GLU B 130 19.57 -32.99 11.66
C GLU B 130 20.27 -31.65 11.38
N PRO B 131 21.18 -31.63 10.40
CA PRO B 131 21.90 -30.40 10.06
C PRO B 131 21.09 -29.44 9.17
N TYR B 132 21.06 -28.17 9.53
CA TYR B 132 20.40 -27.14 8.74
C TYR B 132 21.58 -26.24 8.41
N VAL B 133 22.09 -26.38 7.19
CA VAL B 133 23.27 -25.64 6.79
C VAL B 133 23.10 -24.30 6.08
N THR B 134 23.68 -23.26 6.66
CA THR B 134 23.64 -21.92 6.08
C THR B 134 24.89 -21.83 5.22
N ILE B 135 24.71 -21.66 3.92
CA ILE B 135 25.85 -21.59 3.03
C ILE B 135 26.65 -20.30 3.21
N PHE B 136 25.94 -19.17 3.26
CA PHE B 136 26.60 -17.89 3.44
C PHE B 136 26.08 -17.13 4.64
N HIS B 137 26.94 -16.95 5.64
CA HIS B 137 26.55 -16.21 6.82
C HIS B 137 27.50 -15.02 7.01
N TRP B 138 27.57 -14.18 5.98
CA TRP B 138 28.32 -12.94 5.95
C TRP B 138 29.84 -12.98 5.77
N ASP B 139 30.43 -14.16 5.81
CA ASP B 139 31.88 -14.25 5.67
C ASP B 139 32.34 -14.42 4.23
N VAL B 140 32.51 -13.30 3.54
CA VAL B 140 32.97 -13.30 2.15
C VAL B 140 34.49 -13.42 2.12
N PRO B 141 35.02 -14.34 1.31
CA PRO B 141 36.49 -14.43 1.27
C PRO B 141 37.07 -13.09 0.80
N GLN B 142 38.03 -12.57 1.54
CA GLN B 142 38.65 -11.28 1.21
C GLN B 142 39.21 -11.22 -0.21
N ALA B 143 39.67 -12.36 -0.72
CA ALA B 143 40.21 -12.41 -2.08
C ALA B 143 39.19 -11.92 -3.10
N LEU B 144 37.91 -12.22 -2.85
CA LEU B 144 36.86 -11.78 -3.77
C LEU B 144 36.55 -10.31 -3.55
N GLU B 145 36.62 -9.87 -2.30
CA GLU B 145 36.38 -8.48 -1.96
C GLU B 145 37.37 -7.61 -2.73
N GLU B 146 38.62 -8.06 -2.77
CA GLU B 146 39.67 -7.29 -3.45
C GLU B 146 39.62 -7.42 -4.96
N LYS B 147 39.15 -8.54 -5.48
CA LYS B 147 39.08 -8.72 -6.92
C LYS B 147 37.97 -7.89 -7.55
N TYR B 148 36.80 -7.87 -6.93
CA TYR B 148 35.67 -7.11 -7.48
C TYR B 148 34.67 -6.58 -6.45
N GLY B 149 35.11 -6.43 -5.21
CA GLY B 149 34.22 -5.91 -4.18
C GLY B 149 33.19 -6.90 -3.66
N GLY B 150 33.39 -8.18 -3.97
CA GLY B 150 32.46 -9.20 -3.50
C GLY B 150 31.06 -8.97 -4.03
N PHE B 151 30.09 -8.86 -3.12
CA PHE B 151 28.71 -8.66 -3.53
C PHE B 151 28.41 -7.29 -4.14
N LEU B 152 29.43 -6.43 -4.19
CA LEU B 152 29.27 -5.12 -4.81
C LEU B 152 29.61 -5.22 -6.29
N ASP B 153 29.94 -6.44 -6.74
CA ASP B 153 30.29 -6.71 -8.13
C ASP B 153 29.31 -6.04 -9.09
N LYS B 154 29.77 -4.97 -9.74
CA LYS B 154 28.92 -4.23 -10.66
C LYS B 154 28.52 -4.96 -11.94
N SER B 155 29.22 -6.04 -12.26
CA SER B 155 28.91 -6.81 -13.46
C SER B 155 27.76 -7.80 -13.23
N HIS B 156 27.50 -8.11 -11.96
CA HIS B 156 26.44 -9.07 -11.61
C HIS B 156 26.76 -10.43 -12.20
N LYS B 157 28.02 -10.69 -12.51
CA LYS B 157 28.43 -11.96 -13.10
C LYS B 157 29.45 -12.70 -12.24
N SER B 158 30.55 -12.03 -11.93
CA SER B 158 31.63 -12.61 -11.13
C SER B 158 31.19 -13.22 -9.81
N ILE B 159 30.51 -12.43 -8.98
CA ILE B 159 30.06 -12.92 -7.69
C ILE B 159 29.00 -14.01 -7.81
N VAL B 160 28.17 -13.94 -8.84
CA VAL B 160 27.13 -14.94 -9.04
C VAL B 160 27.79 -16.28 -9.34
N GLU B 161 28.77 -16.26 -10.26
CA GLU B 161 29.48 -17.46 -10.63
C GLU B 161 30.26 -18.04 -9.45
N ASP B 162 31.01 -17.18 -8.77
CA ASP B 162 31.78 -17.64 -7.63
C ASP B 162 30.91 -18.19 -6.51
N TYR B 163 29.80 -17.53 -6.22
CA TYR B 163 28.91 -18.01 -5.17
C TYR B 163 28.28 -19.34 -5.59
N THR B 164 27.88 -19.42 -6.84
CA THR B 164 27.26 -20.62 -7.38
C THR B 164 28.20 -21.80 -7.30
N TYR B 165 29.48 -21.57 -7.58
CA TYR B 165 30.45 -22.65 -7.51
C TYR B 165 30.66 -23.07 -6.05
N PHE B 166 30.62 -22.10 -5.15
CA PHE B 166 30.78 -22.38 -3.72
C PHE B 166 29.66 -23.32 -3.30
N ALA B 167 28.43 -22.96 -3.67
CA ALA B 167 27.28 -23.77 -3.33
C ALA B 167 27.46 -25.16 -3.96
N LYS B 168 28.00 -25.21 -5.17
CA LYS B 168 28.23 -26.48 -5.85
C LYS B 168 29.17 -27.36 -5.02
N VAL B 169 30.26 -26.76 -4.55
CA VAL B 169 31.22 -27.51 -3.74
C VAL B 169 30.55 -28.05 -2.49
N CYS B 170 29.60 -27.29 -1.94
CA CYS B 170 28.87 -27.72 -0.75
C CYS B 170 27.92 -28.89 -1.10
N PHE B 171 27.24 -28.77 -2.24
CA PHE B 171 26.33 -29.82 -2.68
C PHE B 171 27.08 -31.11 -3.00
N ASP B 172 28.24 -30.95 -3.64
CA ASP B 172 29.09 -32.06 -4.04
C ASP B 172 29.66 -32.83 -2.86
N ASN B 173 30.16 -32.09 -1.87
CA ASN B 173 30.80 -32.69 -0.71
C ASN B 173 29.90 -33.01 0.48
N PHE B 174 28.70 -32.42 0.51
CA PHE B 174 27.80 -32.65 1.65
C PHE B 174 26.35 -32.96 1.27
N GLY B 175 26.03 -32.81 -0.01
CA GLY B 175 24.68 -33.05 -0.48
C GLY B 175 24.09 -34.43 -0.22
N ASP B 176 24.94 -35.42 0.02
CA ASP B 176 24.48 -36.78 0.26
C ASP B 176 24.05 -36.96 1.72
N LYS B 177 24.41 -35.99 2.57
CA LYS B 177 24.09 -36.04 4.00
C LYS B 177 23.18 -34.90 4.47
N VAL B 178 23.29 -33.74 3.82
CA VAL B 178 22.49 -32.59 4.19
C VAL B 178 21.15 -32.56 3.46
N LYS B 179 20.08 -32.35 4.22
CA LYS B 179 18.73 -32.32 3.68
C LYS B 179 18.06 -30.95 3.78
N ASN B 180 18.75 -30.01 4.42
CA ASN B 180 18.19 -28.67 4.58
C ASN B 180 19.23 -27.60 4.30
N TRP B 181 19.00 -26.81 3.27
CA TRP B 181 19.94 -25.75 2.89
C TRP B 181 19.35 -24.36 2.99
N LEU B 182 20.19 -23.41 3.36
CA LEU B 182 19.80 -22.01 3.47
C LEU B 182 20.92 -21.30 2.73
N THR B 183 20.61 -20.77 1.55
CA THR B 183 21.62 -20.10 0.73
C THR B 183 22.21 -18.87 1.40
N PHE B 184 21.36 -18.00 1.94
CA PHE B 184 21.82 -16.77 2.59
C PHE B 184 21.14 -16.49 3.92
N ASN B 185 21.89 -15.84 4.81
CA ASN B 185 21.37 -15.48 6.12
C ASN B 185 21.16 -13.97 6.16
N GLU B 186 19.96 -13.55 6.53
CA GLU B 186 19.60 -12.14 6.66
C GLU B 186 20.20 -11.21 5.61
N PRO B 187 19.78 -11.34 4.34
CA PRO B 187 20.37 -10.42 3.35
C PRO B 187 20.10 -8.95 3.64
N GLN B 188 18.98 -8.64 4.30
CA GLN B 188 18.67 -7.24 4.62
C GLN B 188 19.67 -6.67 5.64
N THR B 189 19.95 -7.42 6.70
CA THR B 189 20.90 -6.94 7.69
C THR B 189 22.28 -6.79 7.04
N PHE B 190 22.69 -7.82 6.30
CA PHE B 190 23.98 -7.81 5.63
C PHE B 190 24.15 -6.59 4.72
N THR B 191 23.23 -6.40 3.79
CA THR B 191 23.34 -5.27 2.86
C THR B 191 23.26 -3.91 3.55
N SER B 192 22.24 -3.72 4.39
CA SER B 192 22.05 -2.44 5.07
C SER B 192 23.17 -2.06 6.06
N PHE B 193 23.65 -3.04 6.82
CA PHE B 193 24.70 -2.79 7.81
C PHE B 193 26.12 -2.71 7.23
N SER B 194 26.36 -3.48 6.17
CA SER B 194 27.67 -3.50 5.53
C SER B 194 27.94 -2.32 4.60
N TYR B 195 26.90 -1.90 3.86
CA TYR B 195 27.04 -0.82 2.88
C TYR B 195 26.12 0.36 3.12
N GLY B 196 25.29 0.28 4.16
CA GLY B 196 24.39 1.37 4.48
C GLY B 196 24.91 2.18 5.64
N THR B 197 24.80 1.62 6.85
CA THR B 197 25.29 2.31 8.04
C THR B 197 26.78 2.01 8.22
N GLY B 198 27.25 0.98 7.52
CA GLY B 198 28.65 0.61 7.58
C GLY B 198 29.18 0.07 8.90
N VAL B 199 28.31 -0.49 9.74
CA VAL B 199 28.75 -1.05 11.01
C VAL B 199 29.29 -2.47 10.87
N PHE B 200 29.05 -3.08 9.72
CA PHE B 200 29.54 -4.44 9.41
C PHE B 200 30.63 -4.32 8.35
N ALA B 201 31.48 -5.34 8.25
CA ALA B 201 32.52 -5.34 7.24
C ALA B 201 31.83 -5.21 5.87
N PRO B 202 32.45 -4.51 4.92
CA PRO B 202 33.75 -3.83 4.99
C PRO B 202 33.70 -2.46 5.65
N GLY B 203 32.52 -2.06 6.13
CA GLY B 203 32.38 -0.77 6.79
C GLY B 203 32.25 0.44 5.88
N ARG B 204 31.39 0.34 4.86
CA ARG B 204 31.19 1.43 3.91
C ARG B 204 29.87 2.15 4.16
N CYS B 205 29.85 3.44 3.82
CA CYS B 205 28.66 4.25 3.99
C CYS B 205 28.86 5.57 3.24
N SER B 206 27.80 6.35 3.11
CA SER B 206 27.87 7.64 2.42
C SER B 206 28.74 8.63 3.17
N PRO B 207 29.37 9.57 2.44
CA PRO B 207 30.22 10.57 3.07
C PRO B 207 29.37 11.33 4.09
N GLY B 208 29.97 11.69 5.22
CA GLY B 208 29.22 12.40 6.22
C GLY B 208 28.68 11.47 7.30
N LEU B 209 28.68 10.17 7.02
CA LEU B 209 28.21 9.20 7.99
C LEU B 209 29.41 8.65 8.74
N ASP B 210 29.20 8.19 9.96
CA ASP B 210 30.28 7.66 10.78
C ASP B 210 30.54 6.16 10.64
N CYS B 211 31.44 5.80 9.74
CA CYS B 211 31.82 4.39 9.52
C CYS B 211 33.29 4.40 9.09
N ALA B 212 33.92 3.23 9.05
CA ALA B 212 35.34 3.13 8.66
C ALA B 212 35.68 3.70 7.29
N TYR B 213 34.77 3.55 6.32
CA TYR B 213 35.01 4.06 4.98
C TYR B 213 33.81 4.83 4.47
N PRO B 214 33.71 6.11 4.86
CA PRO B 214 32.59 6.97 4.43
C PRO B 214 32.76 7.47 3.00
N THR B 215 33.12 6.56 2.10
CA THR B 215 33.32 6.93 0.71
C THR B 215 32.48 6.02 -0.18
N GLY B 216 31.35 5.59 0.35
CA GLY B 216 30.45 4.74 -0.41
C GLY B 216 29.17 5.49 -0.72
N ASN B 217 28.05 4.79 -0.71
CA ASN B 217 26.77 5.41 -1.01
C ASN B 217 25.67 4.54 -0.39
N SER B 218 25.23 4.94 0.79
CA SER B 218 24.21 4.22 1.54
C SER B 218 22.89 4.05 0.78
N LEU B 219 22.68 4.88 -0.23
CA LEU B 219 21.45 4.80 -1.02
C LEU B 219 21.55 3.88 -2.22
N VAL B 220 22.76 3.43 -2.55
CA VAL B 220 22.94 2.58 -3.73
C VAL B 220 23.58 1.21 -3.50
N GLU B 221 24.74 1.19 -2.85
CA GLU B 221 25.45 -0.05 -2.60
C GLU B 221 24.61 -1.15 -1.93
N PRO B 222 23.76 -0.78 -0.95
CA PRO B 222 22.95 -1.83 -0.31
C PRO B 222 22.05 -2.56 -1.31
N TYR B 223 21.57 -1.82 -2.31
CA TYR B 223 20.71 -2.38 -3.34
C TYR B 223 21.52 -3.15 -4.36
N THR B 224 22.76 -2.74 -4.59
CA THR B 224 23.63 -3.44 -5.53
C THR B 224 23.94 -4.80 -4.93
N ALA B 225 24.31 -4.80 -3.65
CA ALA B 225 24.63 -6.03 -2.92
C ALA B 225 23.43 -6.96 -2.88
N GLY B 226 22.27 -6.40 -2.55
CA GLY B 226 21.07 -7.20 -2.46
C GLY B 226 20.71 -7.84 -3.79
N HIS B 227 20.89 -7.10 -4.87
CA HIS B 227 20.56 -7.61 -6.20
C HIS B 227 21.47 -8.79 -6.53
N ASN B 228 22.77 -8.65 -6.28
CA ASN B 228 23.71 -9.73 -6.54
C ASN B 228 23.41 -10.95 -5.68
N ILE B 229 22.96 -10.72 -4.45
CA ILE B 229 22.62 -11.83 -3.57
C ILE B 229 21.43 -12.62 -4.14
N LEU B 230 20.43 -11.90 -4.64
CA LEU B 230 19.26 -12.56 -5.20
C LEU B 230 19.60 -13.30 -6.49
N LEU B 231 20.49 -12.74 -7.29
CA LEU B 231 20.88 -13.40 -8.53
C LEU B 231 21.68 -14.66 -8.18
N ALA B 232 22.51 -14.57 -7.15
CA ALA B 232 23.32 -15.71 -6.73
C ALA B 232 22.42 -16.78 -6.15
N HIS B 233 21.42 -16.36 -5.38
CA HIS B 233 20.50 -17.31 -4.79
C HIS B 233 19.75 -18.07 -5.88
N ALA B 234 19.28 -17.34 -6.89
CA ALA B 234 18.55 -17.95 -8.00
C ALA B 234 19.38 -18.95 -8.78
N GLU B 235 20.66 -18.65 -9.01
CA GLU B 235 21.54 -19.54 -9.74
C GLU B 235 21.87 -20.80 -8.94
N ALA B 236 22.07 -20.65 -7.64
CA ALA B 236 22.39 -21.78 -6.77
C ALA B 236 21.21 -22.72 -6.64
N VAL B 237 20.00 -22.15 -6.54
CA VAL B 237 18.81 -22.98 -6.43
C VAL B 237 18.51 -23.66 -7.77
N ASP B 238 18.81 -22.95 -8.85
CA ASP B 238 18.61 -23.52 -10.18
C ASP B 238 19.51 -24.74 -10.26
N LEU B 239 20.79 -24.55 -9.91
CA LEU B 239 21.76 -25.62 -9.93
C LEU B 239 21.28 -26.80 -9.07
N TYR B 240 20.79 -26.49 -7.88
CA TYR B 240 20.31 -27.51 -6.95
C TYR B 240 19.17 -28.33 -7.55
N ASN B 241 18.15 -27.65 -8.05
CA ASN B 241 17.00 -28.33 -8.64
C ASN B 241 17.33 -29.17 -9.85
N LYS B 242 18.38 -28.79 -10.58
CA LYS B 242 18.76 -29.52 -11.77
C LYS B 242 19.71 -30.69 -11.54
N HIS B 243 20.58 -30.60 -10.53
CA HIS B 243 21.53 -31.67 -10.30
C HIS B 243 21.66 -32.29 -8.91
N TYR B 244 21.11 -31.64 -7.87
CA TYR B 244 21.27 -32.19 -6.52
C TYR B 244 19.98 -32.42 -5.73
N LYS B 245 18.89 -31.82 -6.19
CA LYS B 245 17.62 -31.93 -5.49
C LYS B 245 17.12 -33.37 -5.30
N ARG B 246 16.62 -33.64 -4.09
CA ARG B 246 16.08 -34.95 -3.75
C ARG B 246 14.71 -34.70 -3.12
N ASP B 247 13.84 -35.70 -3.23
CA ASP B 247 12.48 -35.61 -2.68
C ASP B 247 12.43 -35.15 -1.23
N ASP B 248 13.38 -35.61 -0.42
CA ASP B 248 13.41 -35.27 1.00
C ASP B 248 14.29 -34.10 1.41
N THR B 249 14.89 -33.40 0.43
CA THR B 249 15.72 -32.26 0.77
C THR B 249 15.01 -30.96 0.47
N ARG B 250 15.33 -29.93 1.24
CA ARG B 250 14.72 -28.62 1.08
C ARG B 250 15.78 -27.54 1.06
N ILE B 251 15.50 -26.47 0.34
CA ILE B 251 16.41 -25.36 0.23
C ILE B 251 15.63 -24.06 0.30
N GLY B 252 16.24 -23.04 0.88
CA GLY B 252 15.63 -21.74 1.00
C GLY B 252 16.64 -20.75 1.52
N LEU B 253 16.16 -19.79 2.31
CA LEU B 253 17.03 -18.78 2.91
C LEU B 253 16.34 -18.17 4.13
N ALA B 254 17.11 -17.51 4.98
CA ALA B 254 16.56 -16.89 6.19
C ALA B 254 16.55 -15.38 6.16
N PHE B 255 15.41 -14.80 6.53
CA PHE B 255 15.26 -13.34 6.54
C PHE B 255 15.27 -12.79 7.95
N ASP B 256 15.96 -11.67 8.14
CA ASP B 256 15.95 -11.00 9.44
C ASP B 256 14.61 -10.27 9.38
N VAL B 257 13.90 -10.22 10.50
CA VAL B 257 12.63 -9.52 10.51
C VAL B 257 12.26 -8.97 11.88
N MET B 258 11.94 -7.68 11.90
CA MET B 258 11.48 -7.04 13.13
C MET B 258 10.02 -6.79 12.84
N GLY B 259 9.15 -7.09 13.81
CA GLY B 259 7.74 -6.84 13.60
C GLY B 259 7.48 -5.34 13.46
N ARG B 260 6.41 -4.98 12.78
CA ARG B 260 6.06 -3.57 12.58
C ARG B 260 4.65 -3.30 13.11
N VAL B 261 4.51 -2.21 13.87
CA VAL B 261 3.22 -1.81 14.44
C VAL B 261 3.02 -0.30 14.25
N PRO B 262 1.82 0.10 13.81
CA PRO B 262 1.56 1.54 13.62
C PRO B 262 1.89 2.36 14.86
N TYR B 263 2.61 3.47 14.67
CA TYR B 263 2.99 4.33 15.77
C TYR B 263 1.71 4.89 16.43
N GLY B 264 0.93 5.62 15.64
CA GLY B 264 -0.29 6.21 16.14
C GLY B 264 -1.55 5.58 15.55
N THR B 265 -2.67 6.31 15.65
CA THR B 265 -3.95 5.81 15.16
C THR B 265 -4.23 6.24 13.72
N SER B 266 -3.48 7.21 13.22
CA SER B 266 -3.65 7.70 11.86
C SER B 266 -3.52 6.59 10.82
N PHE B 267 -4.33 6.65 9.76
CA PHE B 267 -4.26 5.64 8.71
C PHE B 267 -2.90 5.73 8.03
N LEU B 268 -2.24 6.87 8.19
CA LEU B 268 -0.93 7.09 7.59
C LEU B 268 0.15 6.19 8.20
N ASP B 269 0.02 5.89 9.50
CA ASP B 269 0.99 5.04 10.17
C ASP B 269 0.76 3.58 9.77
N LYS B 270 -0.43 3.28 9.30
CA LYS B 270 -0.72 1.93 8.85
C LYS B 270 0.00 1.73 7.52
N GLN B 271 0.00 2.78 6.70
CA GLN B 271 0.67 2.74 5.40
C GLN B 271 2.18 2.70 5.66
N ALA B 272 2.62 3.44 6.66
CA ALA B 272 4.04 3.47 7.03
C ALA B 272 4.46 2.06 7.47
N GLU B 273 3.59 1.41 8.24
CA GLU B 273 3.84 0.05 8.71
C GLU B 273 4.04 -0.89 7.52
N GLU B 274 3.12 -0.83 6.57
CA GLU B 274 3.19 -1.66 5.37
C GLU B 274 4.49 -1.46 4.62
N ARG B 275 4.89 -0.20 4.45
CA ARG B 275 6.14 0.09 3.74
C ARG B 275 7.35 -0.44 4.51
N SER B 276 7.22 -0.50 5.83
CA SER B 276 8.31 -0.99 6.67
C SER B 276 8.45 -2.50 6.59
N TRP B 277 7.34 -3.24 6.52
CA TRP B 277 7.42 -4.69 6.39
C TRP B 277 8.09 -4.91 5.02
N ASP B 278 7.68 -4.10 4.05
CA ASP B 278 8.23 -4.19 2.70
C ASP B 278 9.74 -4.02 2.63
N ILE B 279 10.24 -2.92 3.20
CA ILE B 279 11.66 -2.61 3.17
C ILE B 279 12.52 -3.61 3.95
N ASN B 280 11.95 -4.18 5.01
CA ASN B 280 12.67 -5.13 5.84
C ASN B 280 12.54 -6.58 5.34
N LEU B 281 11.31 -7.09 5.34
CA LEU B 281 11.05 -8.46 4.89
C LEU B 281 10.81 -8.56 3.38
N GLY B 282 9.88 -7.75 2.87
CA GLY B 282 9.55 -7.79 1.46
C GLY B 282 10.71 -7.73 0.46
N TRP B 283 11.70 -6.90 0.77
CA TRP B 283 12.89 -6.71 -0.07
C TRP B 283 13.42 -8.00 -0.70
N PHE B 284 13.71 -8.98 0.14
CA PHE B 284 14.25 -10.24 -0.37
C PHE B 284 13.20 -11.35 -0.47
N LEU B 285 12.10 -11.22 0.27
CA LEU B 285 11.04 -12.23 0.24
C LEU B 285 10.22 -12.26 -1.05
N GLU B 286 9.72 -11.10 -1.46
CA GLU B 286 8.91 -11.06 -2.67
C GLU B 286 9.64 -11.54 -3.91
N PRO B 287 10.95 -11.28 -4.01
CA PRO B 287 11.67 -11.76 -5.19
C PRO B 287 11.64 -13.29 -5.31
N VAL B 288 11.80 -13.99 -4.19
CA VAL B 288 11.76 -15.46 -4.26
C VAL B 288 10.33 -15.98 -4.28
N VAL B 289 9.39 -15.14 -3.86
CA VAL B 289 7.99 -15.56 -3.86
C VAL B 289 7.36 -15.36 -5.24
N ARG B 290 7.46 -14.14 -5.78
CA ARG B 290 6.87 -13.85 -7.08
C ARG B 290 7.85 -13.42 -8.17
N GLY B 291 9.13 -13.32 -7.85
CA GLY B 291 10.09 -12.94 -8.87
C GLY B 291 10.44 -11.48 -9.04
N ASP B 292 10.11 -10.63 -8.06
CA ASP B 292 10.45 -9.22 -8.16
C ASP B 292 10.29 -8.49 -6.82
N TYR B 293 10.91 -7.32 -6.73
CA TYR B 293 10.87 -6.49 -5.52
C TYR B 293 9.48 -5.95 -5.19
N PRO B 294 9.24 -5.58 -3.92
CA PRO B 294 7.93 -5.06 -3.55
C PRO B 294 7.62 -3.79 -4.35
N PHE B 295 6.34 -3.60 -4.68
CA PHE B 295 5.93 -2.43 -5.43
C PHE B 295 6.40 -1.14 -4.76
N SER B 296 6.19 -1.04 -3.45
CA SER B 296 6.58 0.14 -2.71
C SER B 296 8.05 0.50 -2.94
N MET B 297 8.91 -0.51 -2.91
CA MET B 297 10.34 -0.29 -3.11
C MET B 297 10.66 0.21 -4.51
N ARG B 298 10.04 -0.38 -5.53
CA ARG B 298 10.29 0.06 -6.90
C ARG B 298 9.78 1.49 -7.11
N SER B 299 8.72 1.87 -6.42
CA SER B 299 8.17 3.21 -6.58
C SER B 299 8.95 4.28 -5.83
N LEU B 300 9.69 3.89 -4.79
CA LEU B 300 10.44 4.84 -3.98
C LEU B 300 11.96 4.87 -4.25
N ALA B 301 12.57 3.70 -4.37
CA ALA B 301 14.01 3.63 -4.64
C ALA B 301 14.26 3.91 -6.13
N ARG B 302 13.26 3.62 -6.96
CA ARG B 302 13.32 3.84 -8.40
C ARG B 302 14.56 3.29 -9.12
N GLU B 303 15.36 4.18 -9.71
CA GLU B 303 16.53 3.74 -10.45
C GLU B 303 17.62 3.14 -9.59
N ARG B 304 17.56 3.39 -8.28
CA ARG B 304 18.58 2.85 -7.39
C ARG B 304 18.34 1.36 -7.13
N LEU B 305 17.18 0.86 -7.54
CA LEU B 305 16.83 -0.55 -7.37
C LEU B 305 16.83 -1.21 -8.75
N PRO B 306 17.84 -2.06 -9.02
CA PRO B 306 17.97 -2.75 -10.32
C PRO B 306 16.77 -3.58 -10.75
N PHE B 307 16.54 -3.61 -12.06
CA PHE B 307 15.46 -4.40 -12.63
C PHE B 307 16.00 -5.80 -12.90
N PHE B 308 15.12 -6.79 -12.91
CA PHE B 308 15.51 -8.17 -13.17
C PHE B 308 15.14 -8.49 -14.62
N LYS B 309 15.98 -9.28 -15.29
CA LYS B 309 15.67 -9.69 -16.65
C LYS B 309 14.53 -10.68 -16.47
N ASP B 310 13.76 -10.94 -17.52
CA ASP B 310 12.65 -11.87 -17.40
C ASP B 310 13.15 -13.25 -17.02
N GLU B 311 14.30 -13.64 -17.55
CA GLU B 311 14.88 -14.94 -17.26
C GLU B 311 15.23 -15.06 -15.78
N GLN B 312 15.70 -13.97 -15.20
CA GLN B 312 16.07 -13.96 -13.79
C GLN B 312 14.81 -14.01 -12.93
N LYS B 313 13.78 -13.28 -13.35
CA LYS B 313 12.52 -13.26 -12.62
C LYS B 313 11.96 -14.67 -12.52
N GLU B 314 12.08 -15.43 -13.61
CA GLU B 314 11.59 -16.80 -13.67
C GLU B 314 12.30 -17.71 -12.66
N LYS B 315 13.63 -17.71 -12.70
CA LYS B 315 14.41 -18.53 -11.79
C LYS B 315 14.17 -18.13 -10.34
N LEU B 316 13.90 -16.84 -10.13
CA LEU B 316 13.67 -16.31 -8.77
C LEU B 316 12.36 -16.74 -8.16
N ALA B 317 11.28 -16.61 -8.92
CA ALA B 317 9.95 -16.97 -8.46
C ALA B 317 9.86 -18.44 -8.04
N GLY B 318 9.60 -18.67 -6.76
CA GLY B 318 9.46 -20.02 -6.23
C GLY B 318 10.78 -20.72 -5.99
N SER B 319 11.85 -19.95 -5.77
CA SER B 319 13.15 -20.56 -5.53
C SER B 319 13.37 -20.98 -4.08
N TYR B 320 12.43 -21.75 -3.54
CA TYR B 320 12.52 -22.22 -2.16
C TYR B 320 11.52 -23.34 -1.91
N ASN B 321 11.79 -24.12 -0.87
CA ASN B 321 10.94 -25.23 -0.45
C ASN B 321 10.50 -24.91 0.97
N MET B 322 11.24 -24.00 1.59
CA MET B 322 10.98 -23.56 2.96
C MET B 322 11.67 -22.21 3.15
N LEU B 323 11.31 -21.50 4.21
CA LEU B 323 11.90 -20.19 4.48
C LEU B 323 12.19 -20.03 5.95
N GLY B 324 13.28 -19.33 6.26
CA GLY B 324 13.63 -19.11 7.64
C GLY B 324 13.34 -17.67 8.01
N LEU B 325 12.98 -17.45 9.28
CA LEU B 325 12.72 -16.11 9.78
C LEU B 325 13.50 -15.93 11.08
N ASN B 326 14.35 -14.92 11.11
CA ASN B 326 15.15 -14.63 12.30
C ASN B 326 14.43 -13.48 13.02
N TYR B 327 13.66 -13.83 14.05
CA TYR B 327 12.89 -12.84 14.79
C TYR B 327 13.41 -12.57 16.20
N TYR B 328 13.58 -11.29 16.51
CA TYR B 328 14.05 -10.88 17.84
C TYR B 328 13.19 -9.82 18.51
N THR B 329 12.75 -8.83 17.74
CA THR B 329 11.97 -7.74 18.31
C THR B 329 11.05 -7.05 17.31
N SER B 330 10.40 -5.97 17.76
CA SER B 330 9.51 -5.20 16.89
C SER B 330 9.76 -3.70 17.03
N ARG B 331 9.07 -2.91 16.20
CA ARG B 331 9.20 -1.46 16.21
C ARG B 331 7.89 -0.77 15.80
N PHE B 332 7.70 0.46 16.26
CA PHE B 332 6.52 1.21 15.84
C PHE B 332 6.96 1.96 14.60
N SER B 333 6.14 1.93 13.55
CA SER B 333 6.46 2.62 12.32
C SER B 333 5.69 3.94 12.29
N LYS B 334 6.41 5.03 12.07
CA LYS B 334 5.80 6.36 12.03
C LYS B 334 5.94 6.96 10.64
N ASN B 335 4.81 7.38 10.07
CA ASN B 335 4.80 7.96 8.72
C ASN B 335 5.65 9.19 8.52
N ILE B 336 6.26 9.25 7.33
CA ILE B 336 7.04 10.39 6.90
C ILE B 336 6.48 10.66 5.49
N ASP B 337 5.96 11.86 5.28
CA ASP B 337 5.37 12.24 4.00
C ASP B 337 6.39 12.56 2.91
N ILE B 338 5.99 12.32 1.67
CA ILE B 338 6.87 12.67 0.56
C ILE B 338 6.70 14.18 0.46
N SER B 339 7.81 14.91 0.58
CA SER B 339 7.76 16.37 0.50
C SER B 339 9.12 16.96 0.16
N PRO B 340 9.15 18.23 -0.23
CA PRO B 340 10.42 18.88 -0.57
C PRO B 340 11.33 19.08 0.65
N ASN B 341 10.78 18.85 1.84
CA ASN B 341 11.56 19.01 3.06
C ASN B 341 12.13 17.71 3.60
N TYR B 342 12.07 16.65 2.81
CA TYR B 342 12.61 15.36 3.22
C TYR B 342 13.30 14.62 2.09
N SER B 343 14.46 14.06 2.39
CA SER B 343 15.24 13.31 1.42
C SER B 343 15.91 12.14 2.16
N PRO B 344 15.81 10.92 1.60
CA PRO B 344 16.42 9.74 2.23
C PRO B 344 17.94 9.80 2.31
N VAL B 345 18.50 9.31 3.41
CA VAL B 345 19.95 9.27 3.60
C VAL B 345 20.43 7.82 3.52
N LEU B 346 19.74 6.94 4.25
CA LEU B 346 20.07 5.51 4.26
C LEU B 346 19.09 4.78 3.35
N ASN B 347 19.49 3.62 2.85
CA ASN B 347 18.61 2.85 1.98
C ASN B 347 17.30 2.55 2.72
N THR B 348 17.39 2.35 4.02
CA THR B 348 16.20 2.05 4.81
C THR B 348 15.30 3.27 4.97
N ASP B 349 15.79 4.44 4.57
CA ASP B 349 14.99 5.66 4.64
C ASP B 349 13.99 5.69 3.47
N ASP B 350 14.23 4.85 2.46
CA ASP B 350 13.34 4.78 1.29
C ASP B 350 11.93 4.28 1.63
N ALA B 351 11.74 3.81 2.86
CA ALA B 351 10.45 3.31 3.28
C ALA B 351 9.56 4.44 3.78
N TYR B 352 10.12 5.65 3.83
CA TYR B 352 9.40 6.83 4.32
C TYR B 352 8.67 6.59 5.62
N ALA B 353 9.45 6.15 6.61
CA ALA B 353 8.92 5.87 7.94
C ALA B 353 10.07 5.71 8.91
N SER B 354 9.90 6.22 10.12
CA SER B 354 10.94 6.08 11.13
C SER B 354 10.51 4.91 12.01
N GLN B 355 11.46 4.08 12.38
CA GLN B 355 11.18 2.92 13.21
C GLN B 355 11.46 3.32 14.65
N GLU B 356 10.42 3.33 15.47
CA GLU B 356 10.55 3.73 16.86
C GLU B 356 10.43 2.59 17.86
N VAL B 357 11.25 2.66 18.90
CA VAL B 357 11.23 1.68 19.97
C VAL B 357 10.14 2.09 20.97
N ASN B 358 9.97 3.40 21.13
CA ASN B 358 9.00 3.96 22.05
C ASN B 358 7.77 4.50 21.34
N GLY B 359 6.60 4.21 21.89
CA GLY B 359 5.36 4.67 21.32
C GLY B 359 5.07 6.11 21.69
N PRO B 360 3.94 6.68 21.22
CA PRO B 360 3.56 8.07 21.51
C PRO B 360 3.35 8.37 22.99
N ASP B 361 3.28 7.33 23.81
CA ASP B 361 3.09 7.50 25.24
C ASP B 361 4.42 7.47 25.98
N GLY B 362 5.51 7.37 25.22
CA GLY B 362 6.84 7.35 25.82
C GLY B 362 7.27 6.00 26.39
N LYS B 363 6.49 4.96 26.11
CA LYS B 363 6.81 3.63 26.62
C LYS B 363 7.31 2.70 25.50
N PRO B 364 8.28 1.83 25.83
CA PRO B 364 8.82 0.91 24.82
C PRO B 364 7.78 -0.12 24.36
N ILE B 365 7.91 -0.52 23.09
CA ILE B 365 6.99 -1.48 22.49
C ILE B 365 6.85 -2.73 23.35
N GLY B 366 7.92 -3.09 24.03
CA GLY B 366 7.91 -4.25 24.91
C GLY B 366 9.01 -4.09 25.93
N PRO B 367 9.20 -5.06 26.83
CA PRO B 367 10.26 -4.96 27.84
C PRO B 367 11.66 -5.06 27.24
N PRO B 368 12.60 -4.21 27.68
CA PRO B 368 13.95 -4.27 27.15
C PRO B 368 14.62 -5.56 27.64
N MET B 369 15.32 -6.25 26.76
CA MET B 369 15.97 -7.50 27.13
C MET B 369 17.42 -7.38 27.59
N GLY B 370 17.96 -6.18 27.55
CA GLY B 370 19.33 -6.01 28.01
C GLY B 370 20.25 -5.25 27.08
N ASN B 371 20.37 -5.68 25.82
CA ASN B 371 21.27 -5.00 24.91
C ASN B 371 20.59 -3.75 24.32
N PRO B 372 21.28 -3.03 23.44
CA PRO B 372 20.66 -1.83 22.87
C PRO B 372 19.47 -1.91 21.92
N TRP B 373 19.15 -3.07 21.36
CA TRP B 373 18.04 -3.12 20.40
C TRP B 373 16.95 -4.16 20.60
N ILE B 374 17.14 -5.10 21.51
CA ILE B 374 16.12 -6.12 21.69
C ILE B 374 15.07 -5.80 22.74
N TYR B 375 13.83 -5.65 22.26
CA TYR B 375 12.69 -5.38 23.13
C TYR B 375 11.72 -6.54 22.90
N MET B 376 11.31 -7.20 23.98
CA MET B 376 10.42 -8.34 23.89
C MET B 376 8.99 -8.01 23.47
N TYR B 377 8.59 -8.55 22.34
CA TYR B 377 7.26 -8.33 21.80
C TYR B 377 6.83 -9.55 20.98
N PRO B 378 6.56 -10.67 21.66
CA PRO B 378 6.14 -11.94 21.03
C PRO B 378 5.02 -11.76 20.01
N GLU B 379 4.08 -10.87 20.32
CA GLU B 379 2.96 -10.59 19.44
C GLU B 379 3.45 -10.27 18.02
N GLY B 380 4.60 -9.61 17.94
CA GLY B 380 5.16 -9.26 16.65
C GLY B 380 5.41 -10.49 15.81
N LEU B 381 5.83 -11.57 16.47
CA LEU B 381 6.11 -12.83 15.78
C LEU B 381 4.80 -13.41 15.24
N LYS B 382 3.73 -13.32 16.03
CA LYS B 382 2.42 -13.81 15.59
C LYS B 382 1.97 -13.02 14.37
N ASP B 383 2.16 -11.71 14.40
CA ASP B 383 1.79 -10.85 13.28
C ASP B 383 2.55 -11.31 12.03
N LEU B 384 3.84 -11.53 12.19
CA LEU B 384 4.70 -11.98 11.09
C LEU B 384 4.20 -13.29 10.50
N LEU B 385 3.88 -14.25 11.38
CA LEU B 385 3.42 -15.55 10.91
C LEU B 385 2.07 -15.48 10.19
N MET B 386 1.19 -14.59 10.65
CA MET B 386 -0.11 -14.44 10.01
C MET B 386 0.07 -13.83 8.63
N ILE B 387 1.11 -13.01 8.47
CA ILE B 387 1.40 -12.37 7.20
C ILE B 387 1.90 -13.43 6.22
N MET B 388 2.79 -14.31 6.69
CA MET B 388 3.31 -15.37 5.83
C MET B 388 2.17 -16.28 5.41
N LYS B 389 1.24 -16.52 6.33
CA LYS B 389 0.10 -17.38 6.07
C LYS B 389 -0.90 -16.79 5.09
N ASN B 390 -1.41 -15.60 5.42
CA ASN B 390 -2.43 -14.92 4.64
C ASN B 390 -1.99 -14.14 3.41
N LYS B 391 -0.73 -13.70 3.39
CA LYS B 391 -0.27 -12.91 2.27
C LYS B 391 0.69 -13.61 1.32
N TYR B 392 1.59 -14.42 1.88
CA TYR B 392 2.60 -15.07 1.06
C TYR B 392 2.48 -16.58 0.82
N GLY B 393 1.26 -17.11 0.81
CA GLY B 393 1.07 -18.52 0.53
C GLY B 393 1.23 -19.53 1.65
N ASN B 394 1.52 -19.07 2.87
CA ASN B 394 1.69 -19.96 4.01
C ASN B 394 2.68 -21.09 3.71
N PRO B 395 3.92 -20.74 3.30
CA PRO B 395 4.90 -21.79 3.00
C PRO B 395 5.54 -22.32 4.29
N PRO B 396 6.25 -23.46 4.22
CA PRO B 396 6.89 -24.02 5.42
C PRO B 396 7.82 -22.97 6.05
N ILE B 397 7.65 -22.72 7.34
CA ILE B 397 8.45 -21.71 8.04
C ILE B 397 9.23 -22.24 9.24
N TYR B 398 10.49 -21.85 9.33
CA TYR B 398 11.33 -22.22 10.46
C TYR B 398 11.85 -20.94 11.08
N ILE B 399 11.67 -20.78 12.38
CA ILE B 399 12.21 -19.61 13.07
C ILE B 399 13.67 -19.98 13.25
N THR B 400 14.49 -19.63 12.26
CA THR B 400 15.90 -19.96 12.26
C THR B 400 16.77 -19.21 13.30
N GLU B 401 16.18 -18.24 13.98
CA GLU B 401 16.89 -17.47 15.01
C GLU B 401 15.92 -16.75 15.94
N ASN B 402 16.20 -16.82 17.23
CA ASN B 402 15.42 -16.15 18.27
C ASN B 402 16.19 -16.24 19.59
N GLY B 403 16.31 -15.12 20.29
CA GLY B 403 17.04 -15.10 21.56
C GLY B 403 17.41 -13.70 21.99
N ILE B 404 18.21 -13.58 23.04
CA ILE B 404 18.64 -12.27 23.55
C ILE B 404 20.11 -12.30 23.94
N GLY B 405 20.72 -11.13 24.01
CA GLY B 405 22.11 -11.05 24.40
C GLY B 405 22.28 -10.45 25.79
N ASP B 406 22.97 -11.16 26.68
CA ASP B 406 23.19 -10.64 28.03
C ASP B 406 24.46 -9.80 27.98
N VAL B 407 24.35 -8.53 28.38
CA VAL B 407 25.49 -7.63 28.36
C VAL B 407 26.56 -8.04 29.37
N ASP B 408 27.80 -8.10 28.91
CA ASP B 408 28.93 -8.49 29.73
C ASP B 408 30.15 -7.73 29.22
N THR B 409 30.56 -6.68 29.94
CA THR B 409 31.69 -5.88 29.52
C THR B 409 32.75 -5.72 30.61
N LYS B 410 33.87 -5.09 30.24
CA LYS B 410 34.97 -4.86 31.16
C LYS B 410 34.56 -3.92 32.29
N GLU B 411 33.80 -2.89 31.95
CA GLU B 411 33.34 -1.93 32.93
C GLU B 411 32.14 -2.44 33.71
N THR B 412 31.34 -3.29 33.08
CA THR B 412 30.17 -3.87 33.74
C THR B 412 30.22 -5.38 33.58
N PRO B 413 31.12 -6.03 34.34
CA PRO B 413 31.31 -7.49 34.32
C PRO B 413 30.09 -8.30 34.73
N LEU B 414 29.78 -9.33 33.95
CA LEU B 414 28.64 -10.19 34.25
C LEU B 414 29.14 -11.43 34.98
N PRO B 415 28.86 -11.54 36.29
CA PRO B 415 29.30 -12.70 37.08
C PRO B 415 28.83 -13.99 36.41
N MET B 416 29.72 -14.98 36.33
CA MET B 416 29.38 -16.25 35.69
C MET B 416 28.10 -16.88 36.24
N GLU B 417 27.95 -16.86 37.57
CA GLU B 417 26.74 -17.42 38.17
C GLU B 417 25.50 -16.74 37.61
N ALA B 418 25.59 -15.43 37.43
CA ALA B 418 24.49 -14.64 36.89
C ALA B 418 24.31 -14.95 35.40
N ALA B 419 25.42 -15.14 34.69
CA ALA B 419 25.36 -15.45 33.27
C ALA B 419 24.73 -16.83 33.07
N LEU B 420 24.97 -17.75 34.00
CA LEU B 420 24.41 -19.10 33.93
C LEU B 420 22.93 -19.11 34.30
N ASN B 421 22.54 -18.25 35.23
CA ASN B 421 21.14 -18.15 35.65
C ASN B 421 20.47 -17.13 34.73
N ASP B 422 20.40 -17.45 33.43
CA ASP B 422 19.81 -16.57 32.44
C ASP B 422 18.29 -16.68 32.38
N TYR B 423 17.63 -16.26 33.45
CA TYR B 423 16.17 -16.35 33.51
C TYR B 423 15.44 -15.44 32.53
N LYS B 424 16.02 -14.30 32.18
CA LYS B 424 15.34 -13.43 31.21
C LYS B 424 15.30 -14.14 29.87
N ARG B 425 16.41 -14.75 29.48
CA ARG B 425 16.48 -15.48 28.21
C ARG B 425 15.48 -16.63 28.21
N LEU B 426 15.45 -17.37 29.31
CA LEU B 426 14.53 -18.50 29.43
C LEU B 426 13.10 -18.03 29.23
N ASP B 427 12.70 -17.01 29.98
CA ASP B 427 11.35 -16.46 29.87
C ASP B 427 11.04 -16.00 28.45
N TYR B 428 12.02 -15.34 27.83
CA TYR B 428 11.87 -14.84 26.47
C TYR B 428 11.67 -15.99 25.49
N ILE B 429 12.48 -17.03 25.62
CA ILE B 429 12.40 -18.21 24.75
C ILE B 429 11.03 -18.87 24.91
N GLN B 430 10.62 -19.09 26.15
CA GLN B 430 9.34 -19.73 26.42
C GLN B 430 8.17 -18.95 25.79
N ARG B 431 8.20 -17.62 25.92
CA ARG B 431 7.12 -16.82 25.37
C ARG B 431 7.02 -16.90 23.85
N HIS B 432 8.15 -16.94 23.17
CA HIS B 432 8.12 -17.03 21.71
C HIS B 432 7.70 -18.41 21.23
N ILE B 433 8.08 -19.45 21.98
CA ILE B 433 7.67 -20.79 21.61
C ILE B 433 6.15 -20.89 21.81
N ALA B 434 5.65 -20.20 22.84
CA ALA B 434 4.21 -20.20 23.13
C ALA B 434 3.48 -19.49 21.98
N THR B 435 4.09 -18.43 21.45
CA THR B 435 3.50 -17.68 20.36
C THR B 435 3.41 -18.57 19.13
N LEU B 436 4.38 -19.46 18.96
CA LEU B 436 4.38 -20.38 17.81
C LEU B 436 3.18 -21.32 17.90
N LYS B 437 2.83 -21.72 19.12
CA LYS B 437 1.68 -22.60 19.32
C LYS B 437 0.41 -21.85 18.96
N GLU B 438 0.30 -20.61 19.42
CA GLU B 438 -0.88 -19.80 19.15
C GLU B 438 -1.03 -19.62 17.65
N SER B 439 0.09 -19.38 16.97
CA SER B 439 0.08 -19.19 15.52
C SER B 439 -0.36 -20.47 14.82
N ILE B 440 0.12 -21.61 15.29
CA ILE B 440 -0.27 -22.88 14.69
C ILE B 440 -1.78 -23.08 14.83
N ASP B 441 -2.33 -22.73 15.98
CA ASP B 441 -3.77 -22.89 16.20
C ASP B 441 -4.59 -21.90 15.36
N LEU B 442 -3.90 -21.04 14.62
CA LEU B 442 -4.57 -20.09 13.76
C LEU B 442 -4.23 -20.36 12.30
N GLY B 443 -3.67 -21.54 12.03
CA GLY B 443 -3.35 -21.91 10.66
C GLY B 443 -1.94 -21.73 10.14
N SER B 444 -1.03 -21.21 10.97
CA SER B 444 0.35 -21.00 10.54
C SER B 444 1.06 -22.30 10.15
N ASN B 445 1.82 -22.27 9.06
CA ASN B 445 2.55 -23.45 8.61
C ASN B 445 3.99 -23.47 9.15
N VAL B 446 4.19 -22.92 10.34
CA VAL B 446 5.51 -22.91 10.95
C VAL B 446 5.83 -24.35 11.34
N GLN B 447 7.08 -24.77 11.14
CA GLN B 447 7.48 -26.14 11.44
C GLN B 447 8.71 -26.35 12.33
N GLY B 448 9.31 -25.27 12.80
CA GLY B 448 10.49 -25.42 13.65
C GLY B 448 10.96 -24.12 14.31
N TYR B 449 11.77 -24.27 15.35
CA TYR B 449 12.31 -23.14 16.11
C TYR B 449 13.76 -23.39 16.50
N PHE B 450 14.62 -22.40 16.25
CA PHE B 450 16.04 -22.50 16.60
C PHE B 450 16.47 -21.36 17.52
N ALA B 451 16.90 -21.68 18.73
CA ALA B 451 17.35 -20.64 19.67
C ALA B 451 18.66 -20.09 19.10
N TRP B 452 18.76 -18.78 18.95
CA TRP B 452 20.01 -18.26 18.42
C TRP B 452 21.09 -18.31 19.46
N SER B 453 22.19 -18.93 19.05
CA SER B 453 23.37 -19.09 19.86
C SER B 453 23.31 -20.28 20.78
N LEU B 454 23.84 -21.37 20.29
CA LEU B 454 23.96 -22.57 21.08
C LEU B 454 25.04 -22.13 22.05
N LEU B 455 25.93 -21.25 21.57
CA LEU B 455 27.07 -20.78 22.35
C LEU B 455 27.28 -19.28 22.38
N ASP B 456 27.88 -18.80 23.47
CA ASP B 456 28.23 -17.39 23.58
C ASP B 456 29.27 -17.26 22.48
N ASN B 457 29.24 -16.15 21.75
CA ASN B 457 30.18 -16.01 20.64
C ASN B 457 30.52 -14.56 20.32
N PHE B 458 31.28 -14.37 19.24
CA PHE B 458 31.65 -13.03 18.79
C PHE B 458 30.42 -12.43 18.12
N GLU B 459 29.88 -11.37 18.70
CA GLU B 459 28.68 -10.76 18.15
C GLU B 459 28.92 -9.55 17.24
N TRP B 460 29.62 -9.80 16.14
CA TRP B 460 29.94 -8.79 15.15
C TRP B 460 30.44 -7.48 15.75
N PHE B 461 29.83 -6.33 15.41
CA PHE B 461 30.34 -5.08 15.99
C PHE B 461 30.22 -4.97 17.51
N ALA B 462 29.47 -5.87 18.14
CA ALA B 462 29.33 -5.86 19.59
C ALA B 462 30.46 -6.65 20.23
N GLY B 463 31.26 -7.32 19.40
CA GLY B 463 32.37 -8.11 19.92
C GLY B 463 31.90 -9.10 20.96
N PHE B 464 32.62 -9.18 22.09
CA PHE B 464 32.25 -10.09 23.15
C PHE B 464 31.49 -9.41 24.29
N THR B 465 30.80 -8.30 23.98
CA THR B 465 30.03 -7.58 25.00
C THR B 465 28.65 -8.18 25.22
N GLU B 466 28.28 -9.13 24.38
CA GLU B 466 26.97 -9.77 24.50
C GLU B 466 27.03 -11.29 24.39
N ARG B 467 26.46 -11.96 25.38
CA ARG B 467 26.41 -13.41 25.38
C ARG B 467 24.99 -13.84 25.01
N TYR B 468 24.86 -14.48 23.85
CA TYR B 468 23.55 -14.96 23.36
C TYR B 468 23.37 -16.46 23.53
N GLY B 469 24.38 -17.14 24.03
CA GLY B 469 24.28 -18.59 24.16
C GLY B 469 23.36 -19.16 25.22
N ILE B 470 22.90 -20.40 24.97
CA ILE B 470 22.10 -21.13 25.93
C ILE B 470 23.17 -21.92 26.66
N VAL B 471 24.37 -21.93 26.07
CA VAL B 471 25.54 -22.58 26.63
C VAL B 471 26.62 -21.51 26.82
N TYR B 472 27.11 -21.40 28.04
CA TYR B 472 28.12 -20.41 28.40
C TYR B 472 29.51 -20.87 27.96
N VAL B 473 30.29 -19.95 27.40
CA VAL B 473 31.66 -20.26 26.97
C VAL B 473 32.66 -19.43 27.78
N ASP B 474 33.45 -20.10 28.61
CA ASP B 474 34.43 -19.42 29.45
C ASP B 474 35.73 -19.14 28.69
N ARG B 475 35.79 -18.00 28.01
CA ARG B 475 36.96 -17.61 27.25
C ARG B 475 38.22 -17.52 28.10
N ASN B 476 38.04 -17.29 29.40
CA ASN B 476 39.16 -17.17 30.33
C ASN B 476 39.75 -18.54 30.66
N ASN B 477 39.05 -19.60 30.28
CA ASN B 477 39.52 -20.94 30.58
C ASN B 477 39.30 -21.98 29.49
N ASN B 478 40.07 -21.86 28.43
CA ASN B 478 40.01 -22.80 27.31
C ASN B 478 38.64 -22.91 26.67
N CYS B 479 37.84 -21.86 26.74
CA CYS B 479 36.51 -21.86 26.15
C CYS B 479 35.69 -23.05 26.62
N THR B 480 35.83 -23.40 27.89
CA THR B 480 35.08 -24.52 28.45
C THR B 480 33.60 -24.15 28.40
N ARG B 481 32.75 -25.11 28.06
CA ARG B 481 31.30 -24.89 27.97
C ARG B 481 30.56 -25.19 29.26
N TYR B 482 29.50 -24.44 29.51
CA TYR B 482 28.67 -24.65 30.68
C TYR B 482 27.22 -24.40 30.33
N MET B 483 26.37 -25.38 30.63
CA MET B 483 24.94 -25.27 30.36
C MET B 483 24.34 -24.18 31.23
N LYS B 484 23.56 -23.28 30.64
CA LYS B 484 22.89 -22.23 31.39
C LYS B 484 21.50 -22.76 31.71
N GLU B 485 20.72 -22.03 32.49
CA GLU B 485 19.37 -22.48 32.84
C GLU B 485 18.51 -22.65 31.59
N SER B 486 18.68 -21.75 30.61
CA SER B 486 17.91 -21.84 29.39
C SER B 486 18.13 -23.21 28.74
N ALA B 487 19.39 -23.60 28.57
CA ALA B 487 19.74 -24.88 27.97
C ALA B 487 19.14 -26.04 28.77
N LYS B 488 19.16 -25.93 30.09
CA LYS B 488 18.62 -26.98 30.95
C LYS B 488 17.12 -27.12 30.78
N TRP B 489 16.43 -26.00 30.57
CA TRP B 489 14.99 -26.07 30.38
C TRP B 489 14.68 -26.70 29.02
N LEU B 490 15.45 -26.34 28.00
CA LEU B 490 15.26 -26.89 26.67
C LEU B 490 15.49 -28.38 26.70
N LYS B 491 16.46 -28.79 27.51
CA LYS B 491 16.80 -30.21 27.67
C LYS B 491 15.61 -31.02 28.16
N GLU B 492 14.93 -30.53 29.19
CA GLU B 492 13.78 -31.23 29.73
C GLU B 492 12.61 -31.10 28.76
N PHE B 493 12.55 -29.97 28.06
CA PHE B 493 11.49 -29.72 27.10
C PHE B 493 11.53 -30.75 25.98
N ASN B 494 12.72 -31.05 25.49
CA ASN B 494 12.91 -32.02 24.39
C ASN B 494 12.95 -33.48 24.82
N THR B 495 12.97 -33.74 26.12
CA THR B 495 13.06 -35.11 26.63
C THR B 495 12.13 -36.14 25.99
N ALA B 496 10.87 -35.75 25.76
CA ALA B 496 9.90 -36.65 25.13
C ALA B 496 8.87 -35.86 24.35
N LYS B 497 8.54 -36.33 23.15
CA LYS B 497 7.57 -35.66 22.30
C LYS B 497 6.19 -35.64 22.94
N LYS B 498 5.85 -36.72 23.64
CA LYS B 498 4.55 -36.82 24.28
C LYS B 498 4.72 -37.64 25.56
N PRO B 499 4.89 -36.95 26.71
CA PRO B 499 5.06 -37.55 28.04
C PRO B 499 3.96 -38.50 28.46
N SER B 500 3.78 -38.64 29.77
CA SER B 500 2.75 -39.53 30.30
C SER B 500 2.46 -39.19 31.75
N LYS B 501 1.26 -38.69 31.99
CA LYS B 501 0.82 -38.34 33.34
C LYS B 501 -0.62 -37.84 33.28
N LYS B 502 3.19 -31.93 32.40
CA LYS B 502 3.53 -32.48 31.09
C LYS B 502 5.02 -32.79 31.01
#